data_8KFY
#
_entry.id   8KFY
#
_cell.length_a   1.00
_cell.length_b   1.00
_cell.length_c   1.00
_cell.angle_alpha   90.00
_cell.angle_beta   90.00
_cell.angle_gamma   90.00
#
_symmetry.space_group_name_H-M   'P 1'
#
loop_
_entity.id
_entity.type
_entity.pdbx_description
1 polymer 'Guanine nucleotide-binding protein G(i) subunit alpha-1'
2 polymer 'Guanine nucleotide-binding protein G(I)/G(S)/G(T) subunit beta-1'
3 polymer 'Guanine nucleotide-binding protein G(I)/G(S)/G(O) subunit gamma-2'
4 polymer 'C-C chemokine receptor type 8,Fusion protein'
5 polymer scFv16
6 non-polymer 2-[2-[4-[(3-phenoxyphenyl)methyl]piperazin-1-yl]ethoxy]ethanol
#
loop_
_entity_poly.entity_id
_entity_poly.type
_entity_poly.pdbx_seq_one_letter_code
_entity_poly.pdbx_strand_id
1 'polypeptide(L)'
;MGCTLSAEDKAAVERSKMIDRNLREDGEKAAREVKLLLLGAGESGKNTIVKQMKIIHEAGYSEEECKQYKAVVYSNTIQS
IIAIIRAMGRLKIDFGDSARADDARQLFVLAGAAEEGFMTAELAGVIKRLWKDSGVQACFNRSREYQLNDSAAYYLNDLD
RIAQPNYIPTQQDVLRTRVKTTGIVETHFTFKDLHFKMFDVGAQRSERKKWIHCFEGVTAIIFCVALSDYDLVLAEDEEM
NRMHESMKLFDSICNNKWFTDTSIILFLNKKDLFEEKIKKSPLTICYPEYAGSNTYEEAAAYIQCQFEDLNKRKDTKEIY
THFTCSTDTKNVQFVFDAVTDVIIKNNLKDCGLF
;
A
2 'polypeptide(L)'
;MSELDQLRQEAEQLKNQIRDARKACADATLSQITNNIDPVGRIQMRTRRTLRGHLAKIYAMHWGTDSRLLVSASQDGKLI
IWDSYTTNKVHAIPLRSSWVMTCAYAPSGNYVACGGLDNICSIYNLKTREGNVRVSRELAGHTGYLSCCRFLDDNQIVTS
SGDTTCALWDIETGQQTTTFTGHTGDVMSLSLAPDTRLFVSGACDASAKLWDVREGMCRQTFTGHESDINAICFFPNGNA
FATGSDDATCRLFDLRADQELMTYSHDNIICGITSVSFSKSGRLLLAGYDDFNCNVWDALKADRAGVLAGHDNRVSCLGV
TDDGMAVATGSWDSFLKIWNGSSGGGGSGGGGSSGVSGWRLFKKIS
;
B
3 'polypeptide(L)' MASNNTASIAQARKLVEQLKMEANIDRIKVSKAAADLMAYCEAHAKEDPLLTPVPASENPFREKKFFCAIL C
4 'polypeptide(L)'
;MKTIIALSYIFCLVFADYKDDDDAGRAMDYTLDLSVTTVTDYYYPDIFSSPCDAELIQTNGKLLLAVFYCLLFVFSLLGN
SLVILVLVVCKKLRSITDVYLLNLALSDLLFVFSFPFQTYYLLDQWVFGTVMCKVVSGFYYIGFYSSMFFITLMSVDRYL
AVVHAVYALKVRTIRMGTTLCLAVWLTAIMATIPLLVFYQVASEDGVLQCYSFYNQQTLKWKIFTNFKMNILGLLIPFTI
FMFCYIKILHQLKRCQNHNKTKAIRLVLIVVIASLLFWVPFNVVLFLTSLHSMHILDGCSISQQLTYATHVTEIISFTHC
CVNPVIYAFVGEKFKKHLSEIFQKSCSQIFNYLGRQMPRESCEKSSSCQQHSSRSSSVDYILGSSGGGGSGGGGSSGVFT
LEDFVGDWEQTAAYNLDQVLEQGGVSSLLQNLAVSVTPIQRIVRSGENALKIDIHVIIPYEGLSADQMAQIEEVFKVVYP
VDDHHFKVILPYGTLVIDGVTPNMLNYFGRPYEGIAVFDGKKITVTGTLWNGNKIIDERLITPDGSMLFRVTINSEFLEV
LFQGPHHHHHHHHHH
;
R
5 'polypeptide(L)'
;MLLVNQSHQGFNKEHTSKMVSAIVLYVLLAAAAHSAFADVQLVESGGGLVQPGGSRKLSCSASGFAFSSFGMHWVRQAPE
KGLEWVAYISSGSGTIYYADTVKGRFTISRDDPKNTLFLQMTSLRSEDTAMYYCVRSIYYYGSSPFDFWGQGTTLTVSSG
GGGSGGGGSGGGGSDIVMTQATSSVPVTPGESVSISCRSSKSLLHSNGNTYLYWFLQRPGQSPQLLIYRMSNLASGVPDR
FSGSGSGTAFTLTISRLEAEDVGVYYCMQHLEYPLTFGAGTKLELKAAAHHHHHHHH
;
S
#
# COMPACT_ATOMS: atom_id res chain seq x y z
N CYS A 3 3.42 -9.00 -27.72
CA CYS A 3 3.57 -8.80 -26.28
C CYS A 3 4.86 -8.07 -25.96
N THR A 4 5.88 -8.28 -26.80
CA THR A 4 7.20 -7.66 -26.65
C THR A 4 7.77 -7.90 -25.26
N LEU A 5 7.61 -9.12 -24.75
CA LEU A 5 8.13 -9.51 -23.45
C LEU A 5 8.81 -10.87 -23.56
N SER A 6 9.93 -11.01 -22.86
CA SER A 6 10.66 -12.27 -22.86
C SER A 6 9.91 -13.29 -22.01
N ALA A 7 10.38 -14.54 -22.06
CA ALA A 7 9.75 -15.60 -21.27
C ALA A 7 9.88 -15.33 -19.78
N GLU A 8 11.09 -15.02 -19.33
CA GLU A 8 11.28 -14.70 -17.93
C GLU A 8 10.65 -13.38 -17.54
N ASP A 9 10.54 -12.43 -18.47
CA ASP A 9 9.81 -11.20 -18.17
C ASP A 9 8.34 -11.50 -17.89
N LYS A 10 7.71 -12.35 -18.71
CA LYS A 10 6.33 -12.72 -18.48
C LYS A 10 6.18 -13.48 -17.17
N ALA A 11 7.11 -14.39 -16.88
CA ALA A 11 7.04 -15.12 -15.61
C ALA A 11 7.21 -14.18 -14.42
N ALA A 12 8.06 -13.16 -14.56
CA ALA A 12 8.22 -12.16 -13.51
C ALA A 12 6.94 -11.37 -13.30
N VAL A 13 6.26 -11.00 -14.39
CA VAL A 13 4.98 -10.31 -14.24
C VAL A 13 3.96 -11.21 -13.56
N GLU A 14 3.98 -12.50 -13.88
CA GLU A 14 3.07 -13.43 -13.21
C GLU A 14 3.36 -13.51 -11.72
N ARG A 15 4.65 -13.55 -11.36
CA ARG A 15 5.02 -13.53 -9.95
C ARG A 15 4.54 -12.25 -9.27
N SER A 16 4.64 -11.12 -9.97
CA SER A 16 4.15 -9.86 -9.42
C SER A 16 2.64 -9.91 -9.19
N LYS A 17 1.89 -10.48 -10.14
CA LYS A 17 0.44 -10.57 -9.96
C LYS A 17 0.09 -11.49 -8.79
N MET A 18 0.82 -12.60 -8.63
CA MET A 18 0.58 -13.46 -7.48
C MET A 18 0.87 -12.74 -6.18
N ILE A 19 1.94 -11.95 -6.15
CA ILE A 19 2.26 -11.14 -4.97
C ILE A 19 1.14 -10.14 -4.70
N ASP A 20 0.60 -9.52 -5.75
CA ASP A 20 -0.51 -8.59 -5.60
C ASP A 20 -1.73 -9.28 -5.02
N ARG A 21 -2.02 -10.51 -5.47
CA ARG A 21 -3.14 -11.24 -4.93
C ARG A 21 -2.96 -11.53 -3.44
N ASN A 22 -1.76 -11.96 -3.05
CA ASN A 22 -1.50 -12.19 -1.63
C ASN A 22 -1.64 -10.91 -0.81
N LEU A 23 -1.14 -9.79 -1.35
CA LEU A 23 -1.27 -8.53 -0.65
C LEU A 23 -2.73 -8.14 -0.49
N ARG A 24 -3.54 -8.35 -1.53
CA ARG A 24 -4.96 -8.02 -1.44
C ARG A 24 -5.66 -8.86 -0.38
N GLU A 25 -5.37 -10.16 -0.34
CA GLU A 25 -5.99 -10.99 0.68
C GLU A 25 -5.57 -10.56 2.09
N ASP A 26 -4.27 -10.27 2.28
CA ASP A 26 -3.81 -9.84 3.60
C ASP A 26 -4.40 -8.49 3.98
N GLY A 27 -4.56 -7.58 3.01
CA GLY A 27 -5.16 -6.29 3.29
C GLY A 27 -6.63 -6.41 3.66
N GLU A 28 -7.36 -7.30 2.99
CA GLU A 28 -8.75 -7.54 3.38
C GLU A 28 -8.82 -8.12 4.78
N LYS A 29 -7.92 -9.06 5.11
CA LYS A 29 -7.90 -9.61 6.46
C LYS A 29 -7.61 -8.53 7.49
N ALA A 30 -6.67 -7.63 7.20
CA ALA A 30 -6.36 -6.54 8.12
C ALA A 30 -7.54 -5.59 8.26
N ALA A 31 -8.22 -5.27 7.16
CA ALA A 31 -9.39 -4.39 7.23
C ALA A 31 -10.53 -5.02 8.00
N ARG A 32 -10.61 -6.35 8.02
CA ARG A 32 -11.62 -7.01 8.85
C ARG A 32 -11.33 -6.85 10.34
N GLU A 33 -10.09 -6.53 10.68
CA GLU A 33 -9.64 -6.53 12.07
C GLU A 33 -9.82 -5.16 12.71
N VAL A 34 -9.88 -5.17 14.04
CA VAL A 34 -10.13 -3.97 14.84
C VAL A 34 -8.86 -3.60 15.58
N LYS A 35 -8.46 -2.34 15.48
CA LYS A 35 -7.23 -1.84 16.07
C LYS A 35 -7.58 -0.94 17.24
N LEU A 36 -7.01 -1.24 18.41
CA LEU A 36 -7.21 -0.46 19.62
C LEU A 36 -5.85 -0.02 20.14
N LEU A 37 -5.74 1.26 20.51
CA LEU A 37 -4.54 1.80 21.11
C LEU A 37 -4.76 1.95 22.61
N LEU A 38 -3.88 1.36 23.40
CA LEU A 38 -4.02 1.28 24.85
C LEU A 38 -3.06 2.27 25.50
N LEU A 39 -3.59 3.17 26.31
CA LEU A 39 -2.83 4.24 26.93
C LEU A 39 -3.15 4.30 28.42
N GLY A 40 -2.17 4.75 29.21
CA GLY A 40 -2.37 4.88 30.63
C GLY A 40 -1.22 5.65 31.25
N ALA A 41 -1.46 6.16 32.45
CA ALA A 41 -0.48 6.97 33.18
C ALA A 41 -0.03 6.21 34.42
N GLY A 42 1.23 5.80 34.42
CA GLY A 42 1.79 5.10 35.57
C GLY A 42 1.09 3.77 35.79
N GLU A 43 0.96 3.40 37.07
CA GLU A 43 0.26 2.18 37.46
C GLU A 43 -1.24 2.46 37.51
N SER A 44 -1.80 2.68 36.34
CA SER A 44 -3.22 3.00 36.22
C SER A 44 -4.12 1.77 36.16
N GLY A 45 -3.54 0.57 36.07
CA GLY A 45 -4.30 -0.63 35.86
C GLY A 45 -4.30 -1.17 34.45
N LYS A 46 -3.46 -0.61 33.58
CA LYS A 46 -3.38 -1.10 32.20
C LYS A 46 -3.01 -2.57 32.15
N ASN A 47 -2.05 -2.98 32.97
CA ASN A 47 -1.68 -4.39 33.03
C ASN A 47 -2.87 -5.25 33.47
N THR A 48 -3.66 -4.75 34.42
CA THR A 48 -4.81 -5.51 34.91
C THR A 48 -5.85 -5.71 33.81
N ILE A 49 -6.14 -4.66 33.03
CA ILE A 49 -7.12 -4.80 31.97
C ILE A 49 -6.58 -5.66 30.83
N VAL A 50 -5.27 -5.63 30.58
CA VAL A 50 -4.68 -6.59 29.66
C VAL A 50 -4.87 -8.01 30.18
N LYS A 51 -4.70 -8.21 31.48
CA LYS A 51 -4.88 -9.52 32.08
C LYS A 51 -6.31 -10.01 31.92
N GLN A 52 -7.29 -9.12 32.09
CA GLN A 52 -8.68 -9.52 31.94
C GLN A 52 -8.99 -10.01 30.53
N MET A 53 -8.54 -9.27 29.52
CA MET A 53 -8.86 -9.61 28.13
C MET A 53 -8.22 -10.93 27.72
N LYS A 54 -7.01 -11.19 28.16
CA LYS A 54 -6.36 -12.47 27.90
C LYS A 54 -5.94 -13.16 29.20
N THR A 182 10.99 -4.15 25.20
CA THR A 182 10.46 -3.83 23.88
C THR A 182 9.71 -2.50 23.91
N GLY A 183 9.22 -2.09 22.74
CA GLY A 183 8.52 -0.81 22.66
C GLY A 183 7.02 -0.96 22.60
N ILE A 184 6.53 -1.84 21.72
CA ILE A 184 5.10 -2.09 21.58
C ILE A 184 4.82 -3.52 21.98
N VAL A 185 3.88 -3.71 22.89
CA VAL A 185 3.42 -5.03 23.29
C VAL A 185 2.05 -5.21 22.65
N GLU A 186 1.98 -6.06 21.64
CA GLU A 186 0.77 -6.29 20.86
C GLU A 186 0.04 -7.50 21.43
N THR A 187 -1.25 -7.35 21.69
CA THR A 187 -2.10 -8.43 22.18
C THR A 187 -3.27 -8.62 21.23
N HIS A 188 -3.44 -9.86 20.78
CA HIS A 188 -4.54 -10.23 19.90
C HIS A 188 -5.50 -11.15 20.63
N PHE A 189 -6.80 -10.98 20.37
CA PHE A 189 -7.80 -11.88 20.90
C PHE A 189 -9.08 -11.70 20.09
N THR A 190 -9.88 -12.76 20.05
CA THR A 190 -11.13 -12.79 19.32
C THR A 190 -12.29 -12.90 20.29
N PHE A 191 -13.26 -11.99 20.15
CA PHE A 191 -14.44 -12.01 21.01
C PHE A 191 -15.66 -11.76 20.13
N LYS A 192 -16.57 -12.73 20.10
CA LYS A 192 -17.81 -12.64 19.33
C LYS A 192 -17.53 -12.38 17.85
N ASP A 193 -16.73 -13.27 17.26
CA ASP A 193 -16.42 -13.25 15.83
C ASP A 193 -15.76 -11.95 15.40
N LEU A 194 -15.18 -11.23 16.36
CA LEU A 194 -14.48 -9.98 16.10
C LEU A 194 -13.04 -10.12 16.54
N HIS A 195 -12.11 -9.83 15.64
CA HIS A 195 -10.69 -9.95 15.91
C HIS A 195 -10.17 -8.63 16.43
N PHE A 196 -9.47 -8.67 17.56
CA PHE A 196 -9.04 -7.47 18.28
C PHE A 196 -7.52 -7.37 18.27
N LYS A 197 -7.01 -6.24 17.79
CA LYS A 197 -5.61 -5.86 17.99
C LYS A 197 -5.54 -4.77 19.05
N MET A 198 -4.75 -5.01 20.08
CA MET A 198 -4.51 -4.01 21.12
C MET A 198 -3.02 -3.71 21.16
N PHE A 199 -2.68 -2.44 21.01
CA PHE A 199 -1.28 -1.99 21.00
C PHE A 199 -0.99 -1.26 22.29
N ASP A 200 0.08 -1.67 22.97
CA ASP A 200 0.49 -1.05 24.23
C ASP A 200 1.80 -0.35 23.98
N VAL A 201 1.85 0.94 24.32
CA VAL A 201 3.03 1.77 24.10
C VAL A 201 3.51 2.42 25.40
N GLY A 202 3.28 1.75 26.54
CA GLY A 202 3.67 2.33 27.81
C GLY A 202 5.17 2.31 28.06
N ALA A 203 5.91 1.52 27.30
CA ALA A 203 7.34 1.41 27.46
C ALA A 203 8.18 2.19 26.48
N GLN A 204 7.59 3.11 25.71
CA GLN A 204 8.36 3.83 24.71
C GLN A 204 9.32 4.83 25.34
N ARG A 205 8.83 5.65 26.27
CA ARG A 205 9.64 6.61 27.01
C ARG A 205 10.43 7.53 26.08
N SER A 206 9.79 7.98 25.00
CA SER A 206 10.41 8.90 24.05
C SER A 206 9.42 10.00 23.73
N GLU A 207 9.77 10.86 22.78
CA GLU A 207 8.89 11.95 22.39
C GLU A 207 7.67 11.38 21.67
N ARG A 208 6.50 11.55 22.27
CA ARG A 208 5.28 10.94 21.76
C ARG A 208 4.85 11.52 20.42
N LYS A 209 5.16 12.79 20.17
CA LYS A 209 4.70 13.42 18.94
C LYS A 209 5.35 12.84 17.70
N LYS A 210 6.50 12.18 17.84
CA LYS A 210 7.18 11.62 16.68
C LYS A 210 6.53 10.33 16.20
N TRP A 211 5.92 9.56 17.11
CA TRP A 211 5.35 8.26 16.76
C TRP A 211 3.86 8.15 17.06
N ILE A 212 3.19 9.24 17.42
CA ILE A 212 1.76 9.17 17.68
C ILE A 212 0.94 9.20 16.39
N HIS A 213 1.51 9.65 15.28
CA HIS A 213 0.80 9.65 14.01
C HIS A 213 0.78 8.27 13.36
N CYS A 214 1.61 7.34 13.84
CA CYS A 214 1.54 5.97 13.33
C CYS A 214 0.22 5.32 13.71
N PHE A 215 -0.40 5.77 14.79
CA PHE A 215 -1.61 5.16 15.31
C PHE A 215 -2.87 5.88 14.84
N GLU A 216 -2.74 6.86 13.95
CA GLU A 216 -3.90 7.46 13.34
C GLU A 216 -4.62 6.43 12.49
N GLY A 217 -5.92 6.29 12.71
CA GLY A 217 -6.70 5.26 12.06
C GLY A 217 -7.07 4.09 12.95
N VAL A 218 -6.72 4.13 14.23
CA VAL A 218 -7.19 3.10 15.15
C VAL A 218 -8.68 3.28 15.41
N THR A 219 -9.36 2.17 15.65
CA THR A 219 -10.80 2.23 15.83
C THR A 219 -11.16 3.01 17.10
N ALA A 220 -10.50 2.71 18.20
CA ALA A 220 -10.77 3.39 19.46
C ALA A 220 -9.51 3.38 20.31
N ILE A 221 -9.45 4.32 21.24
CA ILE A 221 -8.32 4.46 22.15
C ILE A 221 -8.82 4.08 23.54
N ILE A 222 -8.24 3.03 24.11
CA ILE A 222 -8.59 2.59 25.45
C ILE A 222 -7.68 3.33 26.42
N PHE A 223 -8.24 4.29 27.14
CA PHE A 223 -7.50 5.07 28.12
C PHE A 223 -7.76 4.50 29.50
N CYS A 224 -6.71 4.23 30.24
CA CYS A 224 -6.80 3.63 31.57
C CYS A 224 -6.37 4.66 32.60
N VAL A 225 -7.22 4.89 33.59
CA VAL A 225 -6.97 5.89 34.63
C VAL A 225 -7.29 5.26 35.98
N ALA A 226 -6.35 5.39 36.92
CA ALA A 226 -6.51 4.84 38.26
C ALA A 226 -7.25 5.86 39.13
N LEU A 227 -8.30 5.40 39.81
CA LEU A 227 -9.07 6.28 40.67
C LEU A 227 -8.37 6.54 42.00
N SER A 228 -7.55 5.61 42.47
CA SER A 228 -6.86 5.79 43.74
C SER A 228 -5.71 6.79 43.65
N ASP A 229 -5.36 7.24 42.44
CA ASP A 229 -4.22 8.15 42.28
C ASP A 229 -4.48 9.55 42.81
N TYR A 230 -5.72 9.88 43.19
CA TYR A 230 -6.01 11.20 43.71
C TYR A 230 -5.29 11.45 45.03
N ASP A 231 -5.24 10.46 45.92
CA ASP A 231 -4.58 10.63 47.20
C ASP A 231 -3.07 10.60 47.04
N LEU A 232 -2.56 9.69 46.22
CA LEU A 232 -1.13 9.55 46.00
C LEU A 232 -0.59 10.72 45.19
N VAL A 233 0.66 11.08 45.44
CA VAL A 233 1.38 12.06 44.65
C VAL A 233 2.36 11.32 43.74
N LEU A 234 2.82 12.00 42.71
CA LEU A 234 3.74 11.39 41.77
C LEU A 234 5.08 11.09 42.43
N ALA A 235 5.76 10.06 41.91
CA ALA A 235 7.08 9.71 42.45
C ALA A 235 8.08 10.85 42.23
N GLU A 236 8.03 11.48 41.07
CA GLU A 236 8.91 12.61 40.77
C GLU A 236 8.24 13.88 41.28
N ASP A 237 8.74 14.38 42.41
CA ASP A 237 8.29 15.64 43.03
C ASP A 237 6.87 15.52 43.57
N GLU A 238 6.58 16.28 44.63
CA GLU A 238 5.25 16.31 45.23
C GLU A 238 4.38 17.43 44.69
N GLU A 239 4.91 18.25 43.77
CA GLU A 239 4.15 19.37 43.25
C GLU A 239 2.96 18.91 42.42
N MET A 240 3.14 17.85 41.63
CA MET A 240 2.13 17.40 40.68
C MET A 240 1.41 16.17 41.24
N ASN A 241 0.09 16.23 41.27
CA ASN A 241 -0.73 15.08 41.63
C ASN A 241 -0.82 14.12 40.46
N ARG A 242 -0.95 12.83 40.77
CA ARG A 242 -0.97 11.81 39.72
C ARG A 242 -2.17 11.96 38.80
N MET A 243 -3.35 12.21 39.38
CA MET A 243 -4.55 12.36 38.57
C MET A 243 -4.47 13.57 37.65
N HIS A 244 -3.76 14.62 38.08
CA HIS A 244 -3.58 15.77 37.19
C HIS A 244 -2.69 15.42 36.01
N GLU A 245 -1.67 14.60 36.22
CA GLU A 245 -0.86 14.13 35.09
C GLU A 245 -1.70 13.26 34.16
N SER A 246 -2.59 12.44 34.73
CA SER A 246 -3.52 11.67 33.91
C SER A 246 -4.43 12.57 33.10
N MET A 247 -4.93 13.64 33.70
CA MET A 247 -5.75 14.60 32.96
C MET A 247 -4.95 15.26 31.85
N LYS A 248 -3.69 15.61 32.11
CA LYS A 248 -2.90 16.26 31.07
C LYS A 248 -2.66 15.31 29.90
N LEU A 249 -2.37 14.04 30.20
CA LEU A 249 -2.23 13.06 29.13
C LEU A 249 -3.54 12.89 28.36
N PHE A 250 -4.66 12.85 29.08
CA PHE A 250 -5.95 12.73 28.41
C PHE A 250 -6.24 13.93 27.53
N ASP A 251 -5.89 15.12 28.01
CA ASP A 251 -6.10 16.33 27.22
C ASP A 251 -5.23 16.32 25.97
N SER A 252 -4.00 15.84 26.09
CA SER A 252 -3.11 15.79 24.94
C SER A 252 -3.57 14.74 23.93
N ILE A 253 -4.12 13.62 24.40
CA ILE A 253 -4.47 12.53 23.50
C ILE A 253 -5.84 12.76 22.86
N CYS A 254 -6.82 13.17 23.67
CA CYS A 254 -8.16 13.44 23.16
C CYS A 254 -8.15 14.55 22.14
N ASN A 255 -7.38 15.60 22.38
CA ASN A 255 -7.39 16.79 21.55
C ASN A 255 -6.26 16.81 20.54
N ASN A 256 -5.55 15.70 20.37
CA ASN A 256 -4.49 15.63 19.37
C ASN A 256 -5.08 15.68 17.97
N LYS A 257 -4.34 16.31 17.06
CA LYS A 257 -4.84 16.45 15.69
C LYS A 257 -4.82 15.15 14.92
N TRP A 258 -4.10 14.13 15.40
CA TRP A 258 -4.09 12.84 14.75
C TRP A 258 -5.24 11.94 15.20
N PHE A 259 -5.97 12.33 16.24
CA PHE A 259 -7.05 11.54 16.79
C PHE A 259 -8.32 12.38 16.88
N THR A 260 -8.61 13.16 15.84
CA THR A 260 -9.74 14.08 15.88
C THR A 260 -11.07 13.36 15.76
N ASP A 261 -11.06 12.15 15.18
CA ASP A 261 -12.29 11.39 14.97
C ASP A 261 -12.26 10.02 15.65
N THR A 262 -11.31 9.78 16.53
CA THR A 262 -11.18 8.47 17.17
C THR A 262 -11.82 8.51 18.55
N SER A 263 -12.77 7.61 18.79
CA SER A 263 -13.44 7.54 20.08
C SER A 263 -12.48 7.01 21.14
N ILE A 264 -12.83 7.26 22.40
CA ILE A 264 -12.00 6.87 23.53
C ILE A 264 -12.84 6.03 24.48
N ILE A 265 -12.32 4.87 24.85
CA ILE A 265 -12.91 4.04 25.89
C ILE A 265 -12.16 4.32 27.18
N LEU A 266 -12.85 4.87 28.16
CA LEU A 266 -12.23 5.29 29.41
C LEU A 266 -12.48 4.23 30.47
N PHE A 267 -11.41 3.62 30.96
CA PHE A 267 -11.48 2.60 32.00
C PHE A 267 -11.00 3.21 33.31
N LEU A 268 -11.91 3.33 34.27
CA LEU A 268 -11.59 3.84 35.60
C LEU A 268 -11.52 2.64 36.53
N ASN A 269 -10.32 2.38 37.04
CA ASN A 269 -10.03 1.16 37.77
C ASN A 269 -9.88 1.44 39.27
N LYS A 270 -9.49 0.40 40.00
CA LYS A 270 -9.28 0.45 41.44
C LYS A 270 -10.53 0.97 42.17
N LYS A 271 -11.67 0.35 41.88
CA LYS A 271 -12.90 0.73 42.57
C LYS A 271 -12.85 0.40 44.05
N ASP A 272 -12.31 -0.78 44.41
CA ASP A 272 -12.19 -1.14 45.81
C ASP A 272 -11.24 -0.19 46.53
N LEU A 273 -10.11 0.13 45.89
CA LEU A 273 -9.16 1.06 46.48
C LEU A 273 -9.77 2.44 46.64
N PHE A 274 -10.55 2.89 45.66
CA PHE A 274 -11.19 4.20 45.77
C PHE A 274 -12.24 4.21 46.87
N GLU A 275 -12.98 3.11 47.02
CA GLU A 275 -13.93 2.99 48.12
C GLU A 275 -13.22 3.07 49.47
N GLU A 276 -12.11 2.35 49.62
CA GLU A 276 -11.38 2.38 50.88
C GLU A 276 -10.79 3.77 51.15
N LYS A 277 -10.29 4.43 50.11
CA LYS A 277 -9.62 5.71 50.29
C LYS A 277 -10.59 6.85 50.55
N ILE A 278 -11.73 6.86 49.84
CA ILE A 278 -12.62 8.01 49.90
C ILE A 278 -13.19 8.21 51.30
N LYS A 279 -13.29 7.13 52.09
CA LYS A 279 -13.69 7.28 53.48
C LYS A 279 -12.61 8.00 54.29
N LYS A 280 -11.36 7.55 54.17
CA LYS A 280 -10.27 8.13 54.96
C LYS A 280 -9.87 9.50 54.45
N SER A 281 -9.72 9.66 53.13
CA SER A 281 -9.24 10.90 52.55
C SER A 281 -10.30 11.46 51.61
N PRO A 282 -10.53 12.77 51.61
CA PRO A 282 -11.58 13.33 50.76
C PRO A 282 -11.08 13.61 49.36
N LEU A 283 -12.04 13.78 48.45
CA LEU A 283 -11.70 14.12 47.07
C LEU A 283 -11.26 15.57 46.94
N THR A 284 -11.41 16.38 47.99
CA THR A 284 -11.03 17.78 47.93
C THR A 284 -9.53 17.95 47.75
N ILE A 285 -8.74 16.96 48.16
CA ILE A 285 -7.29 17.05 47.98
C ILE A 285 -6.94 17.10 46.50
N CYS A 286 -7.55 16.23 45.70
CA CYS A 286 -7.34 16.28 44.25
C CYS A 286 -8.14 17.42 43.64
N TYR A 287 -9.34 17.67 44.15
CA TYR A 287 -10.23 18.68 43.58
C TYR A 287 -10.72 19.64 44.67
N PRO A 288 -10.02 20.75 44.89
CA PRO A 288 -10.49 21.70 45.90
C PRO A 288 -11.87 22.29 45.61
N GLU A 289 -12.24 22.42 44.33
CA GLU A 289 -13.57 22.93 44.00
C GLU A 289 -14.67 21.93 44.32
N TYR A 290 -14.31 20.68 44.60
CA TYR A 290 -15.33 19.65 44.82
C TYR A 290 -16.05 19.90 46.14
N ALA A 291 -17.37 20.04 46.06
CA ALA A 291 -18.23 20.20 47.24
C ALA A 291 -19.37 19.22 47.09
N GLY A 292 -19.17 17.98 47.55
CA GLY A 292 -20.16 16.95 47.44
C GLY A 292 -19.95 15.91 48.52
N SER A 293 -20.86 14.93 48.54
CA SER A 293 -20.82 13.89 49.56
C SER A 293 -19.60 13.01 49.37
N ASN A 294 -19.15 12.41 50.47
CA ASN A 294 -18.02 11.47 50.45
C ASN A 294 -18.40 10.11 49.91
N THR A 295 -19.63 9.94 49.44
CA THR A 295 -20.07 8.64 48.92
C THR A 295 -19.35 8.33 47.61
N TYR A 296 -19.34 7.05 47.27
CA TYR A 296 -18.66 6.60 46.05
C TYR A 296 -19.30 7.18 44.80
N GLU A 297 -20.63 7.19 44.74
CA GLU A 297 -21.32 7.54 43.50
C GLU A 297 -21.03 8.97 43.09
N GLU A 298 -21.15 9.92 44.03
CA GLU A 298 -20.98 11.32 43.69
C GLU A 298 -19.55 11.62 43.28
N ALA A 299 -18.57 11.08 44.02
CA ALA A 299 -17.17 11.31 43.68
C ALA A 299 -16.81 10.70 42.34
N ALA A 300 -17.28 9.48 42.08
CA ALA A 300 -17.01 8.84 40.80
C ALA A 300 -17.64 9.62 39.65
N ALA A 301 -18.87 10.10 39.84
CA ALA A 301 -19.53 10.89 38.81
C ALA A 301 -18.78 12.19 38.57
N TYR A 302 -18.29 12.81 39.65
CA TYR A 302 -17.53 14.05 39.49
C TYR A 302 -16.23 13.82 38.73
N ILE A 303 -15.52 12.75 39.04
CA ILE A 303 -14.28 12.44 38.34
C ILE A 303 -14.54 12.16 36.87
N GLN A 304 -15.59 11.39 36.59
CA GLN A 304 -15.94 11.10 35.20
C GLN A 304 -16.32 12.36 34.45
N CYS A 305 -17.09 13.24 35.09
CA CYS A 305 -17.47 14.50 34.44
C CYS A 305 -16.25 15.37 34.17
N GLN A 306 -15.31 15.41 35.12
CA GLN A 306 -14.10 16.18 34.91
C GLN A 306 -13.31 15.64 33.73
N PHE A 307 -13.19 14.32 33.62
CA PHE A 307 -12.48 13.74 32.48
C PHE A 307 -13.22 13.98 31.17
N GLU A 308 -14.55 13.98 31.20
CA GLU A 308 -15.33 14.18 29.98
C GLU A 308 -15.30 15.62 29.51
N ASP A 309 -15.18 16.58 30.42
CA ASP A 309 -15.07 17.98 30.01
C ASP A 309 -13.80 18.25 29.22
N LEU A 310 -12.79 17.40 29.34
CA LEU A 310 -11.54 17.59 28.61
C LEU A 310 -11.70 17.33 27.12
N ASN A 311 -12.82 16.77 26.69
CA ASN A 311 -13.09 16.54 25.27
C ASN A 311 -13.59 17.85 24.68
N LYS A 312 -12.73 18.56 23.97
CA LYS A 312 -13.15 19.79 23.32
C LYS A 312 -14.04 19.52 22.12
N ARG A 313 -13.68 18.55 21.29
CA ARG A 313 -14.45 18.22 20.09
C ARG A 313 -15.50 17.15 20.44
N LYS A 314 -16.53 17.60 21.17
CA LYS A 314 -17.55 16.69 21.64
C LYS A 314 -18.37 16.10 20.50
N ASP A 315 -18.48 16.83 19.38
CA ASP A 315 -19.29 16.36 18.27
C ASP A 315 -18.59 15.24 17.50
N THR A 316 -17.28 15.33 17.30
CA THR A 316 -16.57 14.36 16.47
C THR A 316 -16.42 13.02 17.17
N LYS A 317 -16.10 13.02 18.46
CA LYS A 317 -15.87 11.78 19.20
C LYS A 317 -16.89 11.63 20.31
N GLU A 318 -16.96 10.41 20.84
CA GLU A 318 -17.74 10.12 22.04
C GLU A 318 -16.90 9.28 22.98
N ILE A 319 -16.93 9.61 24.26
CA ILE A 319 -16.12 8.93 25.26
C ILE A 319 -16.99 7.95 26.02
N TYR A 320 -16.53 6.71 26.13
CA TYR A 320 -17.23 5.67 26.88
C TYR A 320 -16.47 5.41 28.17
N THR A 321 -17.15 5.57 29.30
CA THR A 321 -16.55 5.40 30.61
C THR A 321 -17.16 4.20 31.31
N HIS A 322 -16.29 3.30 31.80
CA HIS A 322 -16.74 2.10 32.50
C HIS A 322 -15.94 1.95 33.79
N PHE A 323 -16.65 1.66 34.88
CA PHE A 323 -16.03 1.48 36.19
C PHE A 323 -15.70 0.01 36.36
N THR A 324 -14.41 -0.31 36.38
CA THR A 324 -13.96 -1.69 36.47
C THR A 324 -13.07 -1.88 37.69
N CYS A 325 -12.95 -3.13 38.11
CA CYS A 325 -12.07 -3.53 39.21
C CYS A 325 -11.31 -4.79 38.78
N SER A 326 -10.51 -5.32 39.71
CA SER A 326 -9.76 -6.54 39.41
C SER A 326 -10.69 -7.72 39.19
N THR A 327 -11.76 -7.82 39.97
CA THR A 327 -12.68 -8.95 39.87
C THR A 327 -13.72 -8.78 38.78
N ASP A 328 -13.75 -7.65 38.09
CA ASP A 328 -14.73 -7.43 37.04
C ASP A 328 -14.49 -8.37 35.87
N THR A 329 -15.58 -8.92 35.32
CA THR A 329 -15.50 -9.86 34.21
C THR A 329 -16.22 -9.39 32.96
N LYS A 330 -16.83 -8.20 32.98
CA LYS A 330 -17.59 -7.71 31.84
C LYS A 330 -16.89 -6.59 31.09
N ASN A 331 -15.60 -6.36 31.35
CA ASN A 331 -14.88 -5.29 30.66
C ASN A 331 -14.77 -5.59 29.17
N VAL A 332 -14.57 -6.86 28.82
CA VAL A 332 -14.50 -7.24 27.41
C VAL A 332 -15.83 -6.96 26.71
N GLN A 333 -16.94 -7.16 27.42
CA GLN A 333 -18.24 -6.84 26.84
C GLN A 333 -18.40 -5.36 26.61
N PHE A 334 -17.96 -4.53 27.55
CA PHE A 334 -18.04 -3.08 27.36
C PHE A 334 -17.20 -2.64 26.18
N VAL A 335 -15.99 -3.20 26.06
CA VAL A 335 -15.14 -2.87 24.91
C VAL A 335 -15.82 -3.29 23.62
N PHE A 336 -16.40 -4.49 23.60
CA PHE A 336 -17.06 -4.99 22.40
C PHE A 336 -18.22 -4.10 22.00
N ASP A 337 -19.03 -3.67 22.96
CA ASP A 337 -20.14 -2.78 22.65
C ASP A 337 -19.64 -1.46 22.10
N ALA A 338 -18.58 -0.90 22.70
CA ALA A 338 -18.06 0.36 22.22
C ALA A 338 -17.54 0.25 20.79
N VAL A 339 -16.77 -0.81 20.50
CA VAL A 339 -16.29 -1.00 19.14
C VAL A 339 -17.44 -1.25 18.16
N THR A 340 -18.50 -1.93 18.62
CA THR A 340 -19.66 -2.11 17.76
C THR A 340 -20.27 -0.77 17.40
N ASP A 341 -20.39 0.12 18.38
CA ASP A 341 -20.91 1.45 18.11
C ASP A 341 -20.00 2.22 17.15
N VAL A 342 -18.68 2.10 17.33
CA VAL A 342 -17.75 2.80 16.46
C VAL A 342 -17.84 2.28 15.03
N ILE A 343 -17.96 0.96 14.86
CA ILE A 343 -18.09 0.39 13.53
C ILE A 343 -19.41 0.84 12.89
N ILE A 344 -20.48 0.87 13.67
CA ILE A 344 -21.76 1.35 13.15
C ILE A 344 -21.64 2.78 12.66
N LYS A 345 -20.99 3.64 13.45
CA LYS A 345 -20.83 5.04 13.04
C LYS A 345 -19.94 5.16 11.81
N ASN A 346 -18.85 4.39 11.75
CA ASN A 346 -17.96 4.44 10.61
C ASN A 346 -18.67 4.02 9.32
N ASN A 347 -19.43 2.94 9.38
CA ASN A 347 -20.12 2.50 8.18
C ASN A 347 -21.35 3.34 7.87
N LEU A 348 -21.89 4.05 8.85
CA LEU A 348 -22.89 5.08 8.55
C LEU A 348 -22.26 6.21 7.76
N LYS A 349 -21.06 6.65 8.15
CA LYS A 349 -20.35 7.66 7.40
C LYS A 349 -20.02 7.17 5.99
N ASP A 350 -19.61 5.90 5.87
CA ASP A 350 -19.28 5.34 4.56
C ASP A 350 -20.51 5.24 3.68
N CYS A 351 -21.65 4.82 4.25
CA CYS A 351 -22.86 4.63 3.47
C CYS A 351 -23.50 5.93 3.01
N GLY A 352 -23.01 7.07 3.49
CA GLY A 352 -23.55 8.36 3.13
C GLY A 352 -24.61 8.89 4.07
N LEU A 353 -25.08 8.08 5.01
CA LEU A 353 -26.08 8.55 5.96
C LEU A 353 -25.49 9.58 6.92
N PHE A 354 -24.32 9.28 7.49
CA PHE A 354 -23.64 10.18 8.41
C PHE A 354 -24.55 10.64 9.54
N GLU B 3 33.24 23.04 41.56
CA GLU B 3 31.87 23.45 41.72
C GLU B 3 31.07 23.24 40.44
N LEU B 4 29.81 22.82 40.60
CA LEU B 4 28.95 22.61 39.43
C LEU B 4 28.74 23.91 38.67
N ASP B 5 28.55 25.01 39.40
CA ASP B 5 28.42 26.31 38.75
C ASP B 5 29.68 26.67 37.97
N GLN B 6 30.85 26.35 38.52
CA GLN B 6 32.09 26.59 37.80
C GLN B 6 32.15 25.77 36.51
N LEU B 7 31.70 24.52 36.56
CA LEU B 7 31.69 23.69 35.36
C LEU B 7 30.73 24.26 34.32
N ARG B 8 29.57 24.73 34.75
CA ARG B 8 28.64 25.37 33.82
C ARG B 8 29.23 26.62 33.20
N GLN B 9 29.93 27.42 34.00
CA GLN B 9 30.58 28.62 33.48
C GLN B 9 31.66 28.26 32.48
N GLU B 10 32.44 27.21 32.76
CA GLU B 10 33.46 26.77 31.81
C GLU B 10 32.85 26.28 30.51
N ALA B 11 31.74 25.55 30.59
CA ALA B 11 31.05 25.12 29.39
C ALA B 11 30.54 26.31 28.59
N GLU B 12 30.01 27.31 29.29
CA GLU B 12 29.55 28.53 28.61
C GLU B 12 30.71 29.24 27.94
N GLN B 13 31.86 29.31 28.60
CA GLN B 13 33.02 29.96 28.00
C GLN B 13 33.48 29.20 26.75
N LEU B 14 33.46 27.87 26.80
CA LEU B 14 33.82 27.08 25.63
C LEU B 14 32.82 27.33 24.50
N LYS B 15 31.54 27.45 24.83
CA LYS B 15 30.55 27.73 23.79
C LYS B 15 30.77 29.10 23.16
N ASN B 16 31.11 30.10 23.97
CA ASN B 16 31.44 31.41 23.43
C ASN B 16 32.68 31.34 22.55
N GLN B 17 33.68 30.55 22.94
CA GLN B 17 34.85 30.39 22.08
C GLN B 17 34.47 29.75 20.75
N ILE B 18 33.58 28.76 20.78
CA ILE B 18 33.13 28.12 19.55
C ILE B 18 32.43 29.11 18.64
N ARG B 19 31.48 29.89 19.19
CA ARG B 19 30.76 30.83 18.33
C ARG B 19 31.66 31.95 17.84
N ASP B 20 32.60 32.39 18.67
CA ASP B 20 33.54 33.42 18.22
C ASP B 20 34.43 32.90 17.09
N ALA B 21 34.92 31.67 17.20
CA ALA B 21 35.72 31.09 16.13
C ALA B 21 34.91 30.95 14.86
N ARG B 22 33.68 30.46 14.97
CA ARG B 22 32.84 30.31 13.79
C ARG B 22 32.55 31.66 13.15
N LYS B 23 32.29 32.69 13.96
CA LYS B 23 32.07 34.03 13.42
C LYS B 23 33.33 34.54 12.74
N ALA B 24 34.50 34.18 13.27
CA ALA B 24 35.75 34.54 12.62
C ALA B 24 35.86 33.90 11.25
N CYS B 25 35.47 32.63 11.13
CA CYS B 25 35.58 31.95 9.84
C CYS B 25 34.55 32.43 8.81
N ALA B 26 33.54 33.18 9.24
CA ALA B 26 32.47 33.62 8.34
C ALA B 26 32.87 34.95 7.68
N ASP B 27 33.83 34.85 6.75
CA ASP B 27 34.27 36.03 6.02
C ASP B 27 33.26 36.45 4.97
N ALA B 28 32.68 35.50 4.25
CA ALA B 28 31.68 35.80 3.24
C ALA B 28 30.74 34.62 3.10
N THR B 29 29.44 34.89 3.03
CA THR B 29 28.44 33.84 2.98
C THR B 29 28.37 33.20 1.60
N LEU B 30 27.63 32.09 1.51
CA LEU B 30 27.47 31.38 0.25
C LEU B 30 26.73 32.23 -0.78
N SER B 31 25.77 33.05 -0.33
CA SER B 31 24.94 33.79 -1.28
C SER B 31 25.76 34.77 -2.11
N GLN B 32 26.70 35.47 -1.48
CA GLN B 32 27.52 36.42 -2.22
C GLN B 32 28.41 35.72 -3.24
N ILE B 33 28.97 34.57 -2.86
CA ILE B 33 29.92 33.88 -3.75
C ILE B 33 29.20 33.29 -4.95
N THR B 34 28.04 32.70 -4.76
CA THR B 34 27.28 32.07 -5.84
C THR B 34 26.26 33.01 -6.47
N ASN B 35 26.43 34.31 -6.28
CA ASN B 35 25.49 35.27 -6.86
C ASN B 35 25.56 35.28 -8.38
N ASN B 36 26.76 35.20 -8.94
CA ASN B 36 26.95 35.33 -10.38
C ASN B 36 26.63 34.05 -11.13
N ILE B 37 26.32 32.95 -10.43
CA ILE B 37 26.00 31.70 -11.10
C ILE B 37 24.69 31.83 -11.86
N ASP B 38 24.67 31.29 -13.08
CA ASP B 38 23.44 31.26 -13.86
C ASP B 38 22.38 30.45 -13.13
N PRO B 39 21.18 30.99 -12.94
CA PRO B 39 20.14 30.24 -12.22
C PRO B 39 19.78 28.94 -12.94
N VAL B 40 19.42 27.94 -12.14
CA VAL B 40 19.06 26.64 -12.68
C VAL B 40 17.84 26.72 -13.58
N GLY B 41 16.83 27.49 -13.17
CA GLY B 41 15.59 27.57 -13.91
C GLY B 41 14.57 26.56 -13.42
N ARG B 42 13.37 26.68 -13.97
CA ARG B 42 12.28 25.79 -13.59
C ARG B 42 12.60 24.35 -14.01
N ILE B 43 12.36 23.41 -13.11
CA ILE B 43 12.60 22.00 -13.37
C ILE B 43 11.27 21.27 -13.22
N GLN B 44 10.72 20.81 -14.34
CA GLN B 44 9.46 20.09 -14.36
C GLN B 44 9.76 18.61 -14.55
N MET B 45 9.28 17.79 -13.62
CA MET B 45 9.58 16.37 -13.62
C MET B 45 8.27 15.59 -13.60
N ARG B 46 8.02 14.85 -14.68
CA ARG B 46 6.81 14.04 -14.78
C ARG B 46 6.95 12.76 -14.00
N THR B 47 5.82 12.25 -13.52
CA THR B 47 5.78 10.97 -12.82
C THR B 47 5.89 9.84 -13.83
N ARG B 48 7.09 9.25 -13.93
CA ARG B 48 7.32 8.20 -14.92
C ARG B 48 6.61 6.91 -14.53
N ARG B 49 6.73 6.51 -13.27
CA ARG B 49 6.13 5.29 -12.78
C ARG B 49 5.41 5.56 -11.47
N THR B 50 4.27 4.91 -11.28
CA THR B 50 3.56 4.89 -10.01
C THR B 50 3.50 3.45 -9.51
N LEU B 51 4.00 3.22 -8.30
CA LEU B 51 4.13 1.89 -7.75
C LEU B 51 3.01 1.68 -6.73
N ARG B 52 2.04 0.84 -7.08
CA ARG B 52 0.86 0.61 -6.26
C ARG B 52 0.88 -0.82 -5.72
N GLY B 53 0.31 -0.98 -4.54
CA GLY B 53 0.32 -2.27 -3.87
C GLY B 53 0.42 -2.14 -2.37
N HIS B 54 0.81 -0.95 -1.91
CA HIS B 54 0.81 -0.68 -0.48
C HIS B 54 -0.58 -0.25 -0.04
N LEU B 55 -1.01 -0.77 1.11
CA LEU B 55 -2.36 -0.53 1.62
C LEU B 55 -2.36 0.35 2.87
N ALA B 56 -1.24 1.01 3.16
CA ALA B 56 -1.13 1.88 4.32
C ALA B 56 -0.07 2.92 4.02
N LYS B 57 0.16 3.81 4.98
CA LYS B 57 1.10 4.91 4.78
C LYS B 57 2.51 4.36 4.60
N ILE B 58 3.21 4.87 3.59
CA ILE B 58 4.59 4.47 3.30
C ILE B 58 5.50 5.33 4.16
N TYR B 59 6.22 4.70 5.09
CA TYR B 59 7.06 5.41 6.03
C TYR B 59 8.52 5.47 5.63
N ALA B 60 8.97 4.60 4.73
CA ALA B 60 10.37 4.54 4.37
C ALA B 60 10.54 4.00 2.95
N MET B 61 11.71 4.27 2.38
CA MET B 61 12.04 3.85 1.03
C MET B 61 13.52 4.03 0.81
N HIS B 62 14.16 3.03 0.22
CA HIS B 62 15.58 3.12 -0.07
C HIS B 62 15.86 2.58 -1.47
N TRP B 63 16.95 3.05 -2.05
CA TRP B 63 17.37 2.67 -3.39
C TRP B 63 18.55 1.72 -3.32
N GLY B 64 18.51 0.67 -4.12
CA GLY B 64 19.66 -0.20 -4.26
C GLY B 64 20.77 0.47 -5.04
N THR B 65 21.95 -0.14 -4.97
CA THR B 65 23.09 0.42 -5.68
C THR B 65 22.91 0.36 -7.19
N ASP B 66 22.14 -0.62 -7.67
CA ASP B 66 21.94 -0.82 -9.10
C ASP B 66 21.07 0.26 -9.73
N SER B 67 20.47 1.14 -8.92
CA SER B 67 19.61 2.22 -9.40
C SER B 67 18.36 1.71 -10.11
N ARG B 68 18.00 0.47 -9.88
CA ARG B 68 16.77 -0.08 -10.45
C ARG B 68 15.87 -0.72 -9.40
N LEU B 69 16.45 -1.42 -8.42
CA LEU B 69 15.67 -2.09 -7.40
C LEU B 69 15.58 -1.21 -6.16
N LEU B 70 14.38 -1.03 -5.65
CA LEU B 70 14.14 -0.25 -4.45
C LEU B 70 13.27 -1.04 -3.49
N VAL B 71 13.42 -0.74 -2.22
CA VAL B 71 12.61 -1.36 -1.17
C VAL B 71 11.74 -0.29 -0.54
N SER B 72 10.57 -0.69 -0.07
CA SER B 72 9.60 0.22 0.53
C SER B 72 9.04 -0.39 1.80
N ALA B 73 8.90 0.43 2.83
CA ALA B 73 8.35 0.02 4.12
C ALA B 73 7.06 0.78 4.38
N SER B 74 6.04 0.07 4.87
CA SER B 74 4.75 0.65 5.16
C SER B 74 4.20 0.04 6.43
N GLN B 75 3.15 0.67 6.97
CA GLN B 75 2.52 0.20 8.19
C GLN B 75 1.52 -0.91 7.96
N ASP B 76 1.31 -1.34 6.71
CA ASP B 76 0.50 -2.52 6.47
C ASP B 76 1.17 -3.79 6.95
N GLY B 77 2.43 -3.71 7.35
CA GLY B 77 3.17 -4.86 7.81
C GLY B 77 4.04 -5.51 6.76
N LYS B 78 4.27 -4.84 5.64
CA LYS B 78 4.95 -5.45 4.50
C LYS B 78 6.06 -4.55 3.99
N LEU B 79 7.09 -5.19 3.45
CA LEU B 79 8.31 -4.53 2.98
C LEU B 79 8.56 -5.03 1.56
N ILE B 80 8.16 -4.24 0.57
CA ILE B 80 8.11 -4.68 -0.82
C ILE B 80 9.34 -4.16 -1.56
N ILE B 81 10.02 -5.07 -2.26
CA ILE B 81 11.12 -4.70 -3.15
C ILE B 81 10.56 -4.57 -4.56
N TRP B 82 10.68 -3.38 -5.14
CA TRP B 82 10.11 -3.08 -6.45
C TRP B 82 11.19 -3.14 -7.52
N ASP B 83 10.75 -3.41 -8.74
CA ASP B 83 11.54 -3.15 -9.93
C ASP B 83 11.07 -1.83 -10.52
N SER B 84 11.95 -0.84 -10.58
CA SER B 84 11.52 0.48 -11.00
C SER B 84 11.22 0.53 -12.49
N TYR B 85 12.03 -0.14 -13.31
CA TYR B 85 11.86 -0.04 -14.75
C TYR B 85 10.54 -0.68 -15.18
N THR B 86 10.27 -1.89 -14.72
CA THR B 86 9.00 -2.56 -14.94
C THR B 86 8.34 -2.73 -13.58
N THR B 87 7.15 -2.19 -13.42
CA THR B 87 6.52 -2.06 -12.10
C THR B 87 6.14 -3.46 -11.62
N ASN B 88 7.16 -4.22 -11.24
CA ASN B 88 7.01 -5.59 -10.77
C ASN B 88 7.46 -5.66 -9.32
N LYS B 89 6.81 -6.53 -8.56
CA LYS B 89 7.18 -6.74 -7.17
C LYS B 89 8.09 -7.96 -7.12
N VAL B 90 9.38 -7.72 -6.89
CA VAL B 90 10.33 -8.83 -6.79
C VAL B 90 10.10 -9.61 -5.51
N HIS B 91 9.78 -8.92 -4.42
CA HIS B 91 9.58 -9.58 -3.13
C HIS B 91 8.52 -8.83 -2.35
N ALA B 92 7.90 -9.54 -1.41
CA ALA B 92 7.00 -8.95 -0.42
C ALA B 92 7.25 -9.67 0.89
N ILE B 93 7.82 -8.96 1.85
CA ILE B 93 8.32 -9.55 3.09
C ILE B 93 7.34 -9.24 4.21
N PRO B 94 6.70 -10.24 4.80
CA PRO B 94 5.94 -10.00 6.03
C PRO B 94 6.86 -9.64 7.18
N LEU B 95 6.32 -8.85 8.10
CA LEU B 95 7.08 -8.36 9.25
C LEU B 95 6.35 -8.74 10.53
N ARG B 96 7.13 -9.13 11.55
CA ARG B 96 6.52 -9.46 12.83
C ARG B 96 5.88 -8.24 13.47
N SER B 97 6.48 -7.07 13.27
CA SER B 97 5.92 -5.81 13.74
C SER B 97 5.58 -4.94 12.53
N SER B 98 4.35 -4.46 12.48
CA SER B 98 3.90 -3.60 11.39
C SER B 98 4.26 -2.15 11.62
N TRP B 99 4.82 -1.80 12.77
CA TRP B 99 5.13 -0.41 13.11
C TRP B 99 6.58 -0.09 12.72
N VAL B 100 6.77 0.04 11.42
CA VAL B 100 8.09 0.30 10.86
C VAL B 100 8.21 1.76 10.46
N MET B 101 9.38 2.33 10.68
CA MET B 101 9.64 3.72 10.35
C MET B 101 10.83 3.91 9.42
N THR B 102 11.65 2.88 9.21
CA THR B 102 12.82 3.01 8.34
C THR B 102 13.08 1.68 7.65
N CYS B 103 13.80 1.75 6.54
CA CYS B 103 14.20 0.57 5.78
C CYS B 103 15.48 0.89 5.03
N ALA B 104 16.30 -0.13 4.82
CA ALA B 104 17.59 0.04 4.18
C ALA B 104 17.82 -1.06 3.15
N TYR B 105 18.64 -0.74 2.15
CA TYR B 105 19.06 -1.68 1.13
C TYR B 105 20.58 -1.78 1.18
N ALA B 106 21.09 -2.99 1.37
CA ALA B 106 22.53 -3.17 1.47
C ALA B 106 23.19 -2.82 0.13
N PRO B 107 24.39 -2.24 0.17
CA PRO B 107 25.06 -1.93 -1.11
C PRO B 107 25.30 -3.14 -1.98
N SER B 108 25.58 -4.30 -1.37
CA SER B 108 25.71 -5.52 -2.15
C SER B 108 24.38 -6.01 -2.68
N GLY B 109 23.28 -5.56 -2.09
CA GLY B 109 21.96 -5.97 -2.50
C GLY B 109 21.51 -7.30 -1.95
N ASN B 110 22.35 -7.97 -1.16
CA ASN B 110 21.98 -9.26 -0.61
C ASN B 110 21.02 -9.14 0.56
N TYR B 111 21.05 -8.01 1.27
CA TYR B 111 20.30 -7.85 2.51
C TYR B 111 19.44 -6.60 2.47
N VAL B 112 18.34 -6.66 3.22
CA VAL B 112 17.47 -5.52 3.45
C VAL B 112 17.16 -5.45 4.94
N ALA B 113 17.28 -4.26 5.52
CA ALA B 113 17.04 -4.05 6.94
C ALA B 113 15.75 -3.28 7.14
N CYS B 114 15.05 -3.60 8.22
CA CYS B 114 13.78 -2.96 8.56
C CYS B 114 13.70 -2.81 10.06
N GLY B 115 13.06 -1.73 10.52
CA GLY B 115 12.94 -1.49 11.94
C GLY B 115 11.87 -0.46 12.23
N GLY B 116 11.53 -0.36 13.51
CA GLY B 116 10.50 0.57 13.93
C GLY B 116 10.26 0.62 15.43
N LEU B 117 9.00 0.69 15.83
CA LEU B 117 8.64 0.88 17.23
C LEU B 117 8.97 -0.33 18.10
N ASP B 118 9.31 -1.46 17.51
CA ASP B 118 9.75 -2.62 18.29
C ASP B 118 11.18 -2.48 18.78
N ASN B 119 11.90 -1.43 18.35
CA ASN B 119 13.28 -1.16 18.71
C ASN B 119 14.24 -2.23 18.22
N ILE B 120 13.84 -3.00 17.21
CA ILE B 120 14.64 -4.09 16.69
C ILE B 120 14.92 -3.85 15.21
N CYS B 121 16.18 -3.90 14.84
CA CYS B 121 16.59 -3.85 13.43
C CYS B 121 16.67 -5.26 12.90
N SER B 122 15.75 -5.61 12.00
CA SER B 122 15.66 -6.95 11.44
C SER B 122 16.34 -6.97 10.08
N ILE B 123 17.33 -7.83 9.92
CA ILE B 123 18.07 -7.97 8.68
C ILE B 123 17.51 -9.14 7.90
N TYR B 124 17.12 -8.90 6.65
CA TYR B 124 16.47 -9.89 5.81
C TYR B 124 17.44 -10.34 4.72
N ASN B 125 17.60 -11.65 4.58
CA ASN B 125 18.48 -12.22 3.56
C ASN B 125 17.67 -12.46 2.29
N LEU B 126 17.93 -11.64 1.26
CA LEU B 126 17.17 -11.73 0.02
C LEU B 126 17.55 -12.95 -0.79
N LYS B 127 18.85 -13.25 -0.89
CA LYS B 127 19.35 -14.30 -1.76
C LYS B 127 19.62 -15.55 -0.92
N THR B 128 18.76 -16.55 -1.07
CA THR B 128 18.86 -17.78 -0.30
C THR B 128 18.61 -18.98 -1.21
N ARG B 129 19.14 -20.13 -0.80
CA ARG B 129 18.91 -21.36 -1.56
C ARG B 129 17.44 -21.73 -1.59
N GLU B 130 16.74 -21.54 -0.47
CA GLU B 130 15.33 -21.90 -0.37
C GLU B 130 14.43 -20.99 -1.21
N GLY B 131 14.93 -19.85 -1.66
CA GLY B 131 14.16 -18.99 -2.55
C GLY B 131 13.22 -18.03 -1.87
N ASN B 132 13.28 -17.90 -0.54
CA ASN B 132 12.39 -17.01 0.19
C ASN B 132 13.21 -16.07 1.06
N VAL B 133 12.66 -14.88 1.30
CA VAL B 133 13.30 -13.91 2.16
C VAL B 133 13.11 -14.33 3.61
N ARG B 134 14.21 -14.37 4.37
CA ARG B 134 14.19 -14.84 5.74
C ARG B 134 14.89 -13.82 6.64
N VAL B 135 14.44 -13.73 7.88
CA VAL B 135 15.13 -12.94 8.89
C VAL B 135 16.51 -13.56 9.12
N SER B 136 17.56 -12.77 8.96
CA SER B 136 18.91 -13.24 9.21
C SER B 136 19.37 -12.92 10.61
N ARG B 137 19.10 -11.70 11.08
CA ARG B 137 19.51 -11.28 12.40
C ARG B 137 18.52 -10.25 12.93
N GLU B 138 18.17 -10.38 14.20
CA GLU B 138 17.31 -9.43 14.90
C GLU B 138 18.19 -8.67 15.88
N LEU B 139 18.48 -7.41 15.56
CA LEU B 139 19.39 -6.59 16.37
C LEU B 139 18.60 -5.93 17.48
N ALA B 140 18.97 -6.22 18.72
CA ALA B 140 18.27 -5.70 19.89
C ALA B 140 19.27 -5.03 20.81
N GLY B 141 18.76 -4.11 21.62
CA GLY B 141 19.60 -3.35 22.54
C GLY B 141 19.18 -1.91 22.69
N HIS B 142 18.50 -1.37 21.69
CA HIS B 142 17.98 -0.01 21.80
C HIS B 142 16.76 0.02 22.70
N THR B 143 16.55 1.17 23.33
CA THR B 143 15.43 1.39 24.24
C THR B 143 14.48 2.43 23.68
N GLY B 144 14.36 2.47 22.36
CA GLY B 144 13.50 3.44 21.71
C GLY B 144 13.35 3.09 20.25
N TYR B 145 12.40 3.74 19.61
CA TYR B 145 12.06 3.42 18.24
C TYR B 145 13.23 3.71 17.31
N LEU B 146 13.42 2.82 16.32
CA LEU B 146 14.46 3.00 15.31
C LEU B 146 13.98 4.02 14.28
N SER B 147 14.69 5.13 14.16
CA SER B 147 14.27 6.17 13.22
C SER B 147 14.91 5.97 11.85
N CYS B 148 16.15 5.50 11.80
CA CYS B 148 16.82 5.28 10.52
C CYS B 148 17.96 4.29 10.71
N CYS B 149 18.19 3.48 9.68
CA CYS B 149 19.31 2.55 9.63
C CYS B 149 19.88 2.52 8.23
N ARG B 150 21.21 2.55 8.12
CA ARG B 150 21.89 2.52 6.85
C ARG B 150 23.01 1.49 6.90
N PHE B 151 23.25 0.85 5.76
CA PHE B 151 24.23 -0.23 5.66
C PHE B 151 25.60 0.33 5.30
N LEU B 152 26.61 -0.04 6.07
CA LEU B 152 27.99 0.20 5.69
C LEU B 152 28.48 -0.87 4.72
N ASP B 153 28.31 -2.14 5.10
CA ASP B 153 28.60 -3.28 4.25
C ASP B 153 27.74 -4.45 4.75
N ASP B 154 28.08 -5.66 4.30
CA ASP B 154 27.24 -6.81 4.60
C ASP B 154 27.21 -7.12 6.10
N ASN B 155 28.23 -6.69 6.84
CA ASN B 155 28.36 -7.06 8.24
C ASN B 155 28.16 -5.89 9.20
N GLN B 156 28.14 -4.65 8.70
CA GLN B 156 28.05 -3.48 9.56
C GLN B 156 26.84 -2.64 9.17
N ILE B 157 26.14 -2.14 10.18
CA ILE B 157 24.96 -1.31 9.97
C ILE B 157 24.91 -0.26 11.07
N VAL B 158 24.49 0.94 10.71
CA VAL B 158 24.39 2.07 11.63
C VAL B 158 22.92 2.37 11.86
N THR B 159 22.50 2.38 13.12
CA THR B 159 21.10 2.59 13.49
C THR B 159 20.98 3.80 14.40
N SER B 160 19.95 4.61 14.15
CA SER B 160 19.59 5.74 14.99
C SER B 160 18.25 5.46 15.66
N SER B 161 18.18 5.68 16.97
CA SER B 161 17.02 5.30 17.75
C SER B 161 16.48 6.51 18.51
N GLY B 162 15.27 6.35 19.06
CA GLY B 162 14.66 7.37 19.87
C GLY B 162 15.18 7.45 21.28
N ASP B 163 16.09 6.57 21.65
CA ASP B 163 16.74 6.60 22.96
C ASP B 163 17.93 7.55 23.00
N THR B 164 18.00 8.48 22.05
CA THR B 164 19.01 9.52 21.98
C THR B 164 20.40 8.97 21.69
N THR B 165 20.48 7.71 21.29
CA THR B 165 21.77 7.06 21.01
C THR B 165 21.75 6.43 19.63
N CYS B 166 22.79 6.69 18.85
CA CYS B 166 23.06 5.97 17.61
C CYS B 166 23.98 4.79 17.91
N ALA B 167 23.92 3.76 17.07
CA ALA B 167 24.68 2.55 17.27
C ALA B 167 25.27 2.05 15.96
N LEU B 168 26.37 1.31 16.05
CA LEU B 168 26.95 0.62 14.91
C LEU B 168 27.08 -0.86 15.27
N TRP B 169 26.40 -1.72 14.52
CA TRP B 169 26.27 -3.13 14.85
C TRP B 169 27.19 -3.98 13.99
N ASP B 170 27.62 -5.11 14.56
CA ASP B 170 28.26 -6.18 13.81
C ASP B 170 27.24 -7.30 13.64
N ILE B 171 26.81 -7.51 12.40
CA ILE B 171 25.60 -8.31 12.16
C ILE B 171 25.82 -9.77 12.53
N GLU B 172 27.01 -10.30 12.25
CA GLU B 172 27.25 -11.73 12.42
C GLU B 172 27.03 -12.17 13.87
N THR B 173 27.49 -11.36 14.82
CA THR B 173 27.35 -11.70 16.23
C THR B 173 26.15 -11.02 16.89
N GLY B 174 25.51 -10.06 16.22
CA GLY B 174 24.36 -9.39 16.79
C GLY B 174 24.69 -8.59 18.04
N GLN B 175 25.81 -7.87 18.03
CA GLN B 175 26.24 -7.10 19.18
C GLN B 175 26.56 -5.68 18.76
N GLN B 176 26.64 -4.79 19.75
CA GLN B 176 26.90 -3.38 19.53
C GLN B 176 28.41 -3.16 19.49
N THR B 177 28.95 -2.85 18.32
CA THR B 177 30.37 -2.58 18.21
C THR B 177 30.75 -1.30 18.94
N THR B 178 29.99 -0.23 18.71
CA THR B 178 30.19 1.03 19.40
C THR B 178 28.85 1.75 19.48
N THR B 179 28.58 2.38 20.62
CA THR B 179 27.37 3.16 20.79
C THR B 179 27.72 4.64 20.83
N PHE B 180 26.91 5.44 20.14
CA PHE B 180 27.12 6.87 20.02
C PHE B 180 26.15 7.60 20.94
N THR B 181 26.68 8.42 21.83
CA THR B 181 25.87 9.16 22.79
C THR B 181 26.28 10.63 22.77
N GLY B 182 25.34 11.50 23.13
CA GLY B 182 25.60 12.92 23.13
C GLY B 182 24.41 13.75 22.68
N HIS B 183 23.39 13.09 22.17
CA HIS B 183 22.16 13.77 21.77
C HIS B 183 21.22 13.86 22.96
N THR B 184 20.71 15.07 23.22
CA THR B 184 19.71 15.23 24.27
C THR B 184 18.33 14.78 23.78
N GLY B 185 18.04 14.97 22.50
CA GLY B 185 16.77 14.57 21.93
C GLY B 185 16.88 13.29 21.11
N ASP B 186 15.72 12.84 20.65
CA ASP B 186 15.64 11.60 19.90
C ASP B 186 16.20 11.77 18.49
N VAL B 187 17.13 10.89 18.10
CA VAL B 187 17.73 10.95 16.79
C VAL B 187 16.71 10.48 15.76
N MET B 188 16.53 11.27 14.70
CA MET B 188 15.48 11.01 13.73
C MET B 188 15.99 10.57 12.36
N SER B 189 17.24 10.82 12.03
CA SER B 189 17.77 10.43 10.73
C SER B 189 19.28 10.40 10.78
N LEU B 190 19.86 9.57 9.92
CA LEU B 190 21.31 9.50 9.78
C LEU B 190 21.67 9.37 8.31
N SER B 191 22.86 9.84 7.97
CA SER B 191 23.35 9.78 6.59
C SER B 191 24.83 9.47 6.61
N LEU B 192 25.22 8.36 5.99
CA LEU B 192 26.63 7.98 5.91
C LEU B 192 27.33 8.79 4.84
N ALA B 193 28.60 9.08 5.09
CA ALA B 193 29.42 9.71 4.06
C ALA B 193 29.68 8.70 2.94
N PRO B 194 29.87 9.17 1.71
CA PRO B 194 30.20 8.23 0.62
C PRO B 194 31.47 7.43 0.90
N ASP B 195 32.43 8.01 1.59
CA ASP B 195 33.65 7.30 1.98
C ASP B 195 33.45 6.38 3.17
N THR B 196 32.35 6.55 3.91
CA THR B 196 31.93 5.68 5.00
C THR B 196 32.91 5.63 6.18
N ARG B 197 33.54 6.75 6.53
CA ARG B 197 34.21 6.86 7.82
C ARG B 197 33.53 7.83 8.77
N LEU B 198 32.53 8.58 8.31
CA LEU B 198 31.79 9.50 9.15
C LEU B 198 30.30 9.40 8.81
N PHE B 199 29.48 9.83 9.76
CA PHE B 199 28.04 9.91 9.51
C PHE B 199 27.43 11.00 10.38
N VAL B 200 26.39 11.64 9.85
CA VAL B 200 25.71 12.74 10.52
C VAL B 200 24.40 12.23 11.10
N SER B 201 24.07 12.66 12.32
CA SER B 201 22.83 12.29 12.97
C SER B 201 22.06 13.54 13.35
N GLY B 202 20.80 13.63 12.94
CA GLY B 202 19.93 14.73 13.27
C GLY B 202 18.87 14.29 14.26
N ALA B 203 18.68 15.08 15.31
CA ALA B 203 17.82 14.70 16.41
C ALA B 203 16.80 15.81 16.69
N CYS B 204 16.00 15.59 17.74
CA CYS B 204 14.97 16.55 18.12
C CYS B 204 15.52 17.73 18.91
N ASP B 205 16.79 17.71 19.26
CA ASP B 205 17.40 18.83 19.95
C ASP B 205 17.78 19.97 19.02
N ALA B 206 17.31 19.92 17.78
CA ALA B 206 17.66 20.89 16.74
C ALA B 206 19.16 20.91 16.47
N SER B 207 19.84 19.80 16.69
CA SER B 207 21.28 19.70 16.54
C SER B 207 21.63 18.50 15.67
N ALA B 208 22.60 18.68 14.78
CA ALA B 208 23.15 17.61 13.97
C ALA B 208 24.61 17.40 14.35
N LYS B 209 24.99 16.14 14.54
CA LYS B 209 26.32 15.82 15.04
C LYS B 209 27.04 14.88 14.09
N LEU B 210 28.26 15.23 13.73
CA LEU B 210 29.18 14.34 13.04
C LEU B 210 29.72 13.30 14.01
N TRP B 211 29.93 12.09 13.50
CA TRP B 211 30.50 11.01 14.28
C TRP B 211 31.55 10.30 13.45
N ASP B 212 32.56 9.75 14.13
CA ASP B 212 33.53 8.87 13.50
C ASP B 212 33.18 7.43 13.87
N VAL B 213 33.02 6.58 12.85
CA VAL B 213 32.49 5.24 13.08
C VAL B 213 33.51 4.40 13.83
N ARG B 214 34.80 4.57 13.54
CA ARG B 214 35.81 3.73 14.17
C ARG B 214 35.98 4.05 15.64
N GLU B 215 36.05 5.33 16.00
CA GLU B 215 36.37 5.74 17.36
C GLU B 215 35.13 5.84 18.24
N GLY B 216 34.05 6.44 17.74
CA GLY B 216 32.85 6.62 18.51
C GLY B 216 32.63 7.99 19.11
N MET B 217 33.49 8.95 18.81
CA MET B 217 33.36 10.30 19.34
C MET B 217 32.70 11.21 18.30
N CYS B 218 32.11 12.29 18.80
CA CYS B 218 31.44 13.27 17.97
C CYS B 218 32.40 14.42 17.71
N ARG B 219 32.86 14.54 16.47
CA ARG B 219 33.83 15.58 16.13
C ARG B 219 33.19 16.96 16.14
N GLN B 220 32.03 17.11 15.48
CA GLN B 220 31.39 18.40 15.34
C GLN B 220 29.90 18.29 15.67
N THR B 221 29.37 19.35 16.26
CA THR B 221 27.94 19.48 16.52
C THR B 221 27.46 20.75 15.85
N PHE B 222 26.37 20.64 15.08
CA PHE B 222 25.87 21.74 14.28
C PHE B 222 24.51 22.19 14.81
N THR B 223 24.33 23.51 14.88
CA THR B 223 23.14 24.10 15.45
C THR B 223 22.63 25.18 14.49
N GLY B 224 21.39 25.62 14.73
CA GLY B 224 20.81 26.67 13.92
C GLY B 224 19.33 26.47 13.67
N HIS B 225 18.89 25.22 13.71
CA HIS B 225 17.47 24.94 13.56
C HIS B 225 16.71 25.27 14.84
N GLU B 226 15.43 25.58 14.70
CA GLU B 226 14.58 25.95 15.81
C GLU B 226 13.64 24.84 16.25
N SER B 227 13.78 23.63 15.70
CA SER B 227 12.92 22.52 16.07
C SER B 227 13.59 21.22 15.65
N ASP B 228 12.82 20.13 15.73
CA ASP B 228 13.37 18.81 15.49
C ASP B 228 13.80 18.66 14.04
N ILE B 229 14.99 18.08 13.84
CA ILE B 229 15.49 17.76 12.51
C ILE B 229 14.96 16.38 12.15
N ASN B 230 14.19 16.30 11.06
CA ASN B 230 13.57 15.04 10.68
C ASN B 230 14.44 14.25 9.71
N ALA B 231 15.05 14.91 8.74
CA ALA B 231 15.85 14.22 7.74
C ALA B 231 17.20 14.90 7.59
N ILE B 232 18.22 14.07 7.35
CA ILE B 232 19.58 14.53 7.10
C ILE B 232 20.09 13.83 5.85
N CYS B 233 21.04 14.47 5.17
CA CYS B 233 21.58 13.91 3.95
C CYS B 233 22.94 14.54 3.67
N PHE B 234 23.88 13.71 3.24
CA PHE B 234 25.23 14.18 2.92
C PHE B 234 25.28 14.75 1.52
N PHE B 235 26.06 15.81 1.36
CA PHE B 235 26.42 16.28 0.03
C PHE B 235 27.25 15.21 -0.66
N PRO B 236 27.16 15.10 -1.98
CA PRO B 236 27.95 14.08 -2.69
C PRO B 236 29.44 14.16 -2.42
N ASN B 237 29.97 15.35 -2.15
CA ASN B 237 31.38 15.47 -1.80
C ASN B 237 31.69 14.74 -0.50
N GLY B 238 30.78 14.79 0.47
CA GLY B 238 31.06 14.33 1.80
C GLY B 238 31.61 15.38 2.74
N ASN B 239 31.85 16.59 2.23
CA ASN B 239 32.31 17.71 3.04
C ASN B 239 31.16 18.62 3.47
N ALA B 240 29.92 18.25 3.16
CA ALA B 240 28.77 19.07 3.52
C ALA B 240 27.57 18.16 3.71
N PHE B 241 26.57 18.67 4.42
CA PHE B 241 25.33 17.93 4.60
C PHE B 241 24.18 18.90 4.79
N ALA B 242 22.97 18.40 4.51
CA ALA B 242 21.76 19.19 4.59
C ALA B 242 20.81 18.58 5.62
N THR B 243 20.01 19.43 6.26
CA THR B 243 19.11 19.02 7.31
C THR B 243 17.70 19.52 7.01
N GLY B 244 16.72 18.68 7.29
CA GLY B 244 15.34 19.09 7.18
C GLY B 244 14.65 19.05 8.52
N SER B 245 14.06 20.16 8.94
CA SER B 245 13.51 20.29 10.28
C SER B 245 12.02 20.55 10.21
N ASP B 246 11.41 20.66 11.39
CA ASP B 246 9.98 20.97 11.49
C ASP B 246 9.70 22.46 11.40
N ASP B 247 10.72 23.31 11.42
CA ASP B 247 10.52 24.74 11.28
C ASP B 247 10.41 25.20 9.84
N ALA B 248 10.09 24.28 8.93
CA ALA B 248 9.84 24.58 7.52
C ALA B 248 11.05 25.17 6.81
N THR B 249 12.25 24.91 7.32
CA THR B 249 13.48 25.37 6.69
C THR B 249 14.45 24.20 6.54
N CYS B 250 15.22 24.24 5.45
CA CYS B 250 16.31 23.31 5.22
C CYS B 250 17.61 24.09 5.26
N ARG B 251 18.62 23.52 5.92
CA ARG B 251 19.90 24.19 6.12
C ARG B 251 21.03 23.32 5.59
N LEU B 252 22.00 23.95 4.95
CA LEU B 252 23.18 23.28 4.44
C LEU B 252 24.39 23.64 5.29
N PHE B 253 25.02 22.62 5.85
CA PHE B 253 26.22 22.78 6.66
C PHE B 253 27.42 22.23 5.92
N ASP B 254 28.60 22.76 6.23
CA ASP B 254 29.86 22.18 5.80
C ASP B 254 30.67 21.76 7.02
N LEU B 255 31.39 20.65 6.89
CA LEU B 255 32.10 20.10 8.04
C LEU B 255 33.35 20.91 8.35
N ARG B 256 34.11 21.29 7.32
CA ARG B 256 35.38 21.96 7.55
C ARG B 256 35.18 23.36 8.14
N ALA B 257 34.23 24.12 7.61
CA ALA B 257 33.95 25.45 8.17
C ALA B 257 33.12 25.37 9.44
N ASP B 258 32.51 24.21 9.73
CA ASP B 258 31.90 23.92 11.02
C ASP B 258 30.66 24.77 11.29
N GLN B 259 30.19 25.52 10.31
CA GLN B 259 29.03 26.38 10.48
C GLN B 259 28.09 26.24 9.28
N GLU B 260 26.85 26.69 9.47
CA GLU B 260 25.87 26.66 8.40
C GLU B 260 26.25 27.65 7.30
N LEU B 261 25.90 27.31 6.08
CA LEU B 261 26.13 28.17 4.92
C LEU B 261 24.93 29.03 4.57
N MET B 262 23.74 28.43 4.45
CA MET B 262 22.54 29.19 4.18
C MET B 262 21.33 28.30 4.43
N THR B 263 20.15 28.93 4.43
CA THR B 263 18.91 28.25 4.78
C THR B 263 17.96 28.23 3.59
N TYR B 264 17.21 27.13 3.45
CA TYR B 264 16.24 26.94 2.40
C TYR B 264 14.86 27.14 3.01
N SER B 265 14.32 28.35 2.88
CA SER B 265 13.05 28.68 3.50
C SER B 265 12.24 29.56 2.56
N HIS B 266 10.93 29.44 2.67
CA HIS B 266 9.99 30.28 1.94
C HIS B 266 8.86 30.68 2.88
N ASP B 267 8.31 31.88 2.65
CA ASP B 267 7.21 32.35 3.47
C ASP B 267 5.97 31.48 3.30
N ASN B 268 5.71 31.02 2.08
CA ASN B 268 4.52 30.20 1.83
C ASN B 268 4.61 28.85 2.52
N ILE B 269 5.82 28.31 2.66
CA ILE B 269 6.00 27.00 3.26
C ILE B 269 5.91 27.12 4.78
N ILE B 270 4.91 26.46 5.36
CA ILE B 270 4.74 26.44 6.80
C ILE B 270 5.01 25.07 7.41
N CYS B 271 4.78 23.99 6.67
CA CYS B 271 4.94 22.64 7.20
C CYS B 271 6.41 22.24 7.25
N GLY B 272 6.71 21.30 8.15
CA GLY B 272 8.08 20.86 8.32
C GLY B 272 8.53 19.91 7.23
N ILE B 273 9.84 19.88 7.01
CA ILE B 273 10.42 18.98 6.03
C ILE B 273 10.47 17.58 6.63
N THR B 274 9.94 16.60 5.89
CA THR B 274 9.92 15.23 6.39
C THR B 274 11.10 14.43 5.87
N SER B 275 11.43 14.58 4.59
CA SER B 275 12.55 13.89 3.97
C SER B 275 13.39 14.88 3.19
N VAL B 276 14.68 14.61 3.12
CA VAL B 276 15.61 15.44 2.35
C VAL B 276 16.51 14.54 1.53
N SER B 277 16.99 15.06 0.41
CA SER B 277 17.85 14.30 -0.49
C SER B 277 18.61 15.27 -1.38
N PHE B 278 19.63 14.74 -2.04
CA PHE B 278 20.52 15.53 -2.90
C PHE B 278 20.58 14.87 -4.27
N SER B 279 20.74 15.68 -5.31
CA SER B 279 20.99 15.15 -6.63
C SER B 279 22.42 14.65 -6.72
N LYS B 280 22.73 13.99 -7.84
CA LYS B 280 24.04 13.37 -7.99
C LYS B 280 25.15 14.41 -7.99
N SER B 281 24.93 15.55 -8.65
CA SER B 281 25.95 16.60 -8.68
C SER B 281 25.91 17.46 -7.43
N GLY B 282 24.85 17.36 -6.62
CA GLY B 282 24.69 18.20 -5.46
C GLY B 282 24.07 19.54 -5.73
N ARG B 283 23.75 19.85 -6.99
CA ARG B 283 23.15 21.14 -7.30
C ARG B 283 21.73 21.26 -6.79
N LEU B 284 20.97 20.17 -6.82
CA LEU B 284 19.57 20.17 -6.45
C LEU B 284 19.38 19.53 -5.08
N LEU B 285 18.61 20.21 -4.23
CA LEU B 285 18.25 19.69 -2.91
C LEU B 285 16.76 19.39 -2.94
N LEU B 286 16.41 18.11 -2.90
CA LEU B 286 15.02 17.68 -2.92
C LEU B 286 14.56 17.40 -1.49
N ALA B 287 13.50 18.09 -1.08
CA ALA B 287 12.97 17.97 0.27
C ALA B 287 11.49 17.61 0.19
N GLY B 288 11.09 16.60 0.96
CA GLY B 288 9.70 16.20 1.02
C GLY B 288 9.00 16.90 2.16
N TYR B 289 7.95 17.63 1.83
CA TYR B 289 7.24 18.46 2.79
C TYR B 289 5.95 17.80 3.23
N ASP B 290 5.43 18.26 4.36
CA ASP B 290 4.23 17.69 4.97
C ASP B 290 2.94 18.18 4.30
N ASP B 291 3.03 19.11 3.36
CA ASP B 291 1.86 19.65 2.67
C ASP B 291 1.57 18.94 1.36
N PHE B 292 1.82 17.64 1.30
CA PHE B 292 1.56 16.80 0.13
C PHE B 292 2.43 17.17 -1.06
N ASN B 293 3.58 17.79 -0.83
CA ASN B 293 4.41 18.28 -1.91
C ASN B 293 5.88 17.97 -1.62
N CYS B 294 6.67 17.94 -2.69
CA CYS B 294 8.11 17.78 -2.60
C CYS B 294 8.76 18.85 -3.46
N ASN B 295 9.45 19.78 -2.82
CA ASN B 295 10.05 20.92 -3.51
C ASN B 295 11.52 20.62 -3.81
N VAL B 296 11.95 20.94 -5.02
CA VAL B 296 13.34 20.80 -5.42
C VAL B 296 13.97 22.19 -5.32
N TRP B 297 15.08 22.28 -4.61
CA TRP B 297 15.77 23.54 -4.37
C TRP B 297 17.05 23.60 -5.18
N ASP B 298 17.68 24.75 -5.15
CA ASP B 298 19.03 24.93 -5.68
C ASP B 298 19.98 25.03 -4.50
N ALA B 299 21.07 24.26 -4.53
CA ALA B 299 21.95 24.21 -3.38
C ALA B 299 22.71 25.51 -3.21
N LEU B 300 23.20 26.09 -4.30
CA LEU B 300 24.07 27.25 -4.19
C LEU B 300 23.29 28.56 -4.15
N LYS B 301 22.05 28.57 -4.62
CA LYS B 301 21.18 29.73 -4.55
C LYS B 301 19.88 29.34 -3.87
N ALA B 302 19.39 30.18 -2.98
CA ALA B 302 18.22 29.86 -2.17
C ALA B 302 16.96 29.71 -3.02
N ASP B 303 17.06 29.97 -4.32
CA ASP B 303 15.89 29.91 -5.19
C ASP B 303 15.34 28.48 -5.26
N ARG B 304 14.01 28.38 -5.35
CA ARG B 304 13.34 27.10 -5.51
C ARG B 304 13.12 26.83 -7.00
N ALA B 305 13.76 25.78 -7.50
CA ALA B 305 13.70 25.50 -8.94
C ALA B 305 12.32 25.01 -9.36
N GLY B 306 11.77 24.05 -8.63
CA GLY B 306 10.51 23.46 -9.06
C GLY B 306 9.87 22.68 -7.93
N VAL B 307 8.69 22.14 -8.23
CA VAL B 307 7.86 21.45 -7.26
C VAL B 307 7.33 20.17 -7.88
N LEU B 308 7.46 19.07 -7.16
CA LEU B 308 6.93 17.78 -7.59
C LEU B 308 5.63 17.52 -6.84
N ALA B 309 4.50 17.77 -7.50
CA ALA B 309 3.18 17.54 -6.93
C ALA B 309 2.59 16.27 -7.52
N GLY B 310 1.65 15.67 -6.80
CA GLY B 310 1.05 14.44 -7.25
C GLY B 310 0.74 13.45 -6.14
N HIS B 311 1.05 13.81 -4.90
CA HIS B 311 0.79 12.95 -3.75
C HIS B 311 -0.37 13.52 -2.96
N ASP B 312 -1.36 12.66 -2.68
CA ASP B 312 -2.54 13.11 -1.93
C ASP B 312 -2.21 13.38 -0.47
N ASN B 313 -1.38 12.55 0.13
CA ASN B 313 -1.02 12.67 1.54
C ASN B 313 0.45 13.11 1.66
N ARG B 314 0.93 13.13 2.90
CA ARG B 314 2.26 13.65 3.18
C ARG B 314 3.35 12.76 2.59
N VAL B 315 4.29 13.39 1.90
CA VAL B 315 5.44 12.68 1.33
C VAL B 315 6.39 12.34 2.47
N SER B 316 6.56 11.05 2.75
CA SER B 316 7.28 10.62 3.94
C SER B 316 8.73 10.20 3.67
N CYS B 317 9.08 9.89 2.43
CA CYS B 317 10.42 9.42 2.12
C CYS B 317 10.85 9.92 0.75
N LEU B 318 12.15 10.07 0.58
CA LEU B 318 12.74 10.54 -0.67
C LEU B 318 13.99 9.72 -0.96
N GLY B 319 14.33 9.63 -2.24
CA GLY B 319 15.53 8.92 -2.63
C GLY B 319 15.92 9.16 -4.07
N VAL B 320 17.18 9.52 -4.28
CA VAL B 320 17.74 9.74 -5.60
C VAL B 320 18.67 8.59 -5.93
N THR B 321 18.55 8.06 -7.14
CA THR B 321 19.35 6.92 -7.55
C THR B 321 20.83 7.27 -7.56
N ASP B 322 21.66 6.23 -7.52
CA ASP B 322 23.10 6.44 -7.54
C ASP B 322 23.55 7.10 -8.85
N ASP B 323 22.97 6.66 -9.97
CA ASP B 323 23.24 7.36 -11.22
C ASP B 323 22.47 8.66 -11.34
N GLY B 324 21.59 8.95 -10.39
CA GLY B 324 20.91 10.22 -10.33
C GLY B 324 19.81 10.43 -11.35
N MET B 325 19.41 9.37 -12.07
CA MET B 325 18.47 9.58 -13.16
C MET B 325 17.05 9.77 -12.63
N ALA B 326 16.68 9.07 -11.58
CA ALA B 326 15.32 9.10 -11.08
C ALA B 326 15.30 9.36 -9.59
N VAL B 327 14.24 10.02 -9.13
CA VAL B 327 14.01 10.28 -7.72
C VAL B 327 12.63 9.73 -7.36
N ALA B 328 12.56 9.02 -6.24
CA ALA B 328 11.33 8.39 -5.80
C ALA B 328 10.76 9.15 -4.61
N THR B 329 9.45 9.39 -4.66
CA THR B 329 8.73 10.04 -3.56
C THR B 329 7.71 9.04 -3.02
N GLY B 330 7.91 8.60 -1.79
CA GLY B 330 6.94 7.79 -1.10
C GLY B 330 6.14 8.65 -0.13
N SER B 331 4.83 8.45 -0.12
CA SER B 331 3.94 9.31 0.64
C SER B 331 3.00 8.46 1.49
N TRP B 332 2.35 9.13 2.44
CA TRP B 332 1.40 8.48 3.32
C TRP B 332 0.16 7.99 2.60
N ASP B 333 -0.05 8.40 1.35
CA ASP B 333 -1.21 7.98 0.57
C ASP B 333 -1.05 6.60 -0.04
N SER B 334 -0.11 5.80 0.45
CA SER B 334 0.11 4.42 0.02
C SER B 334 0.54 4.31 -1.43
N PHE B 335 1.38 5.21 -1.90
CA PHE B 335 1.84 5.19 -3.28
C PHE B 335 3.30 5.60 -3.35
N LEU B 336 3.97 5.10 -4.38
CA LEU B 336 5.35 5.46 -4.70
C LEU B 336 5.38 5.97 -6.13
N LYS B 337 6.15 7.02 -6.37
CA LYS B 337 6.24 7.63 -7.67
C LYS B 337 7.68 7.85 -8.07
N ILE B 338 7.99 7.54 -9.32
CA ILE B 338 9.33 7.71 -9.88
C ILE B 338 9.30 8.93 -10.79
N TRP B 339 10.18 9.88 -10.54
CA TRP B 339 10.17 11.16 -11.25
C TRP B 339 11.46 11.32 -12.03
N ASN B 340 11.36 11.86 -13.24
CA ASN B 340 12.52 12.07 -14.10
C ASN B 340 12.24 13.15 -15.14
N ALA C 7 27.43 11.44 39.67
CA ALA C 7 26.18 12.19 39.62
C ALA C 7 26.16 13.10 38.39
N SER C 8 25.31 14.13 38.44
CA SER C 8 25.23 15.08 37.33
C SER C 8 26.55 15.83 37.15
N ILE C 9 27.37 15.88 38.21
CA ILE C 9 28.67 16.56 38.11
C ILE C 9 29.53 15.86 37.07
N ALA C 10 29.56 14.53 37.09
CA ALA C 10 30.37 13.79 36.11
C ALA C 10 29.87 14.04 34.69
N GLN C 11 28.56 14.11 34.52
CA GLN C 11 28.00 14.45 33.20
C GLN C 11 28.45 15.84 32.76
N ALA C 12 28.50 16.78 33.71
CA ALA C 12 28.98 18.12 33.38
C ALA C 12 30.44 18.08 32.94
N ARG C 13 31.28 17.31 33.64
CA ARG C 13 32.68 17.19 33.24
C ARG C 13 32.81 16.56 31.86
N LYS C 14 31.99 15.53 31.58
CA LYS C 14 32.03 14.91 30.26
C LYS C 14 31.63 15.90 29.18
N LEU C 15 30.59 16.69 29.42
CA LEU C 15 30.19 17.70 28.45
C LEU C 15 31.29 18.74 28.23
N VAL C 16 31.95 19.15 29.31
CA VAL C 16 33.03 20.12 29.19
C VAL C 16 34.18 19.54 28.38
N GLU C 17 34.53 18.27 28.62
CA GLU C 17 35.59 17.64 27.85
C GLU C 17 35.22 17.53 26.38
N GLN C 18 33.96 17.18 26.08
CA GLN C 18 33.53 17.10 24.70
C GLN C 18 33.61 18.45 24.01
N LEU C 19 33.19 19.51 24.72
CA LEU C 19 33.29 20.85 24.15
C LEU C 19 34.73 21.25 23.92
N LYS C 20 35.63 20.90 24.85
CA LYS C 20 37.04 21.19 24.68
C LYS C 20 37.61 20.49 23.45
N MET C 21 37.22 19.23 23.26
CA MET C 21 37.64 18.52 22.05
C MET C 21 37.10 19.21 20.81
N GLU C 22 35.86 19.69 20.86
CA GLU C 22 35.25 20.36 19.72
C GLU C 22 35.90 21.71 19.44
N ALA C 23 36.51 22.32 20.45
CA ALA C 23 37.01 23.69 20.29
C ALA C 23 38.28 23.74 19.46
N ASN C 24 39.12 22.71 19.55
CA ASN C 24 40.46 22.78 18.97
C ASN C 24 40.53 22.36 17.51
N ILE C 25 39.40 22.00 16.89
CA ILE C 25 39.44 21.58 15.49
C ILE C 25 39.65 22.80 14.61
N ASP C 26 40.47 22.64 13.56
CA ASP C 26 40.79 23.74 12.66
C ASP C 26 39.72 23.90 11.59
N ARG C 27 39.42 25.14 11.26
CA ARG C 27 38.36 25.48 10.32
C ARG C 27 38.92 26.40 9.24
N ILE C 28 38.55 26.13 7.99
CA ILE C 28 38.93 26.99 6.88
C ILE C 28 37.85 28.05 6.71
N LYS C 29 38.18 29.13 6.01
CA LYS C 29 37.22 30.18 5.77
C LYS C 29 36.04 29.65 4.95
N VAL C 30 34.85 30.20 5.22
CA VAL C 30 33.65 29.74 4.54
C VAL C 30 33.73 29.96 3.04
N SER C 31 34.50 30.96 2.60
CA SER C 31 34.66 31.18 1.16
C SER C 31 35.32 30.00 0.48
N LYS C 32 36.33 29.41 1.12
CA LYS C 32 37.01 28.27 0.53
C LYS C 32 36.07 27.07 0.40
N ALA C 33 35.27 26.80 1.43
CA ALA C 33 34.31 25.70 1.36
C ALA C 33 33.24 25.97 0.30
N ALA C 34 32.78 27.21 0.20
CA ALA C 34 31.80 27.55 -0.82
C ALA C 34 32.37 27.37 -2.22
N ALA C 35 33.62 27.78 -2.42
CA ALA C 35 34.26 27.60 -3.71
C ALA C 35 34.44 26.11 -4.02
N ASP C 36 34.77 25.31 -3.01
CA ASP C 36 34.91 23.87 -3.23
C ASP C 36 33.58 23.24 -3.63
N LEU C 37 32.50 23.62 -2.95
CA LEU C 37 31.18 23.11 -3.31
C LEU C 37 30.79 23.55 -4.72
N MET C 38 31.10 24.80 -5.07
CA MET C 38 30.85 25.29 -6.41
C MET C 38 31.62 24.49 -7.45
N ALA C 39 32.90 24.22 -7.18
CA ALA C 39 33.71 23.47 -8.12
C ALA C 39 33.19 22.05 -8.27
N TYR C 40 32.76 21.44 -7.17
CA TYR C 40 32.20 20.09 -7.26
C TYR C 40 30.92 20.09 -8.10
N CYS C 41 30.05 21.08 -7.88
CA CYS C 41 28.80 21.13 -8.64
C CYS C 41 29.05 21.37 -10.12
N GLU C 42 30.00 22.25 -10.46
CA GLU C 42 30.30 22.51 -11.87
C GLU C 42 30.99 21.32 -12.52
N ALA C 43 31.85 20.62 -11.79
CA ALA C 43 32.57 19.49 -12.36
C ALA C 43 31.61 18.37 -12.77
N HIS C 44 30.62 18.08 -11.93
CA HIS C 44 29.69 17.00 -12.16
C HIS C 44 28.34 17.49 -12.68
N ALA C 45 28.32 18.70 -13.24
CA ALA C 45 27.06 19.26 -13.73
C ALA C 45 26.50 18.45 -14.88
N LYS C 46 27.37 18.01 -15.80
CA LYS C 46 26.90 17.24 -16.95
C LYS C 46 26.35 15.89 -16.53
N GLU C 47 26.96 15.25 -15.54
CA GLU C 47 26.58 13.90 -15.16
C GLU C 47 25.21 13.85 -14.47
N ASP C 48 24.68 14.99 -14.03
CA ASP C 48 23.41 14.98 -13.32
C ASP C 48 22.25 14.93 -14.30
N PRO C 49 21.43 13.89 -14.27
CA PRO C 49 20.28 13.82 -15.17
C PRO C 49 19.10 14.66 -14.69
N LEU C 50 18.90 14.75 -13.38
CA LEU C 50 17.83 15.59 -12.86
C LEU C 50 18.11 17.06 -13.11
N LEU C 51 19.37 17.49 -12.96
CA LEU C 51 19.72 18.88 -13.27
C LEU C 51 19.57 19.16 -14.75
N THR C 52 19.98 18.23 -15.60
CA THR C 52 19.86 18.37 -17.05
C THR C 52 19.27 17.11 -17.62
N PRO C 53 18.01 17.13 -18.08
CA PRO C 53 17.36 15.89 -18.54
C PRO C 53 18.09 15.26 -19.71
N VAL C 54 18.15 13.93 -19.71
CA VAL C 54 18.81 13.16 -20.75
C VAL C 54 17.85 12.99 -21.93
N PRO C 55 18.33 12.66 -23.13
CA PRO C 55 17.42 12.36 -24.22
C PRO C 55 16.51 11.18 -23.89
N ALA C 56 15.28 11.25 -24.41
CA ALA C 56 14.26 10.27 -24.04
C ALA C 56 14.69 8.84 -24.36
N SER C 57 15.52 8.66 -25.38
CA SER C 57 15.97 7.30 -25.71
C SER C 57 16.83 6.73 -24.60
N GLU C 58 17.70 7.55 -24.00
CA GLU C 58 18.60 7.08 -22.97
C GLU C 58 17.90 6.87 -21.62
N ASN C 59 16.66 7.29 -21.49
CA ASN C 59 15.93 7.15 -20.24
C ASN C 59 15.16 5.84 -20.22
N PRO C 60 15.52 4.88 -19.35
CA PRO C 60 14.72 3.65 -19.28
C PRO C 60 13.31 3.89 -18.77
N PHE C 61 13.10 4.94 -17.97
CA PHE C 61 11.77 5.35 -17.54
C PHE C 61 11.15 6.13 -18.69
N ARG C 62 10.50 5.42 -19.60
CA ARG C 62 9.86 6.02 -20.75
C ARG C 62 8.34 5.93 -20.64
N ILE D 57 -54.24 23.65 -27.08
CA ILE D 57 -54.46 22.90 -25.85
C ILE D 57 -53.57 21.67 -25.82
N GLN D 58 -53.83 20.73 -26.74
CA GLN D 58 -53.01 19.53 -26.84
C GLN D 58 -51.57 19.87 -27.20
N THR D 59 -51.39 20.81 -28.14
CA THR D 59 -50.04 21.24 -28.51
C THR D 59 -49.34 21.92 -27.34
N ASN D 60 -50.08 22.74 -26.58
CA ASN D 60 -49.49 23.39 -25.40
C ASN D 60 -49.05 22.36 -24.37
N GLY D 61 -49.90 21.35 -24.12
CA GLY D 61 -49.51 20.30 -23.19
C GLY D 61 -48.31 19.52 -23.66
N LYS D 62 -48.25 19.24 -24.97
CA LYS D 62 -47.09 18.56 -25.53
C LYS D 62 -45.83 19.39 -25.34
N LEU D 63 -45.94 20.71 -25.56
CA LEU D 63 -44.78 21.58 -25.36
C LEU D 63 -44.33 21.58 -23.90
N LEU D 64 -45.28 21.64 -22.97
CA LEU D 64 -44.93 21.60 -21.56
C LEU D 64 -44.26 20.29 -21.20
N LEU D 65 -44.79 19.17 -21.71
CA LEU D 65 -44.19 17.87 -21.43
C LEU D 65 -42.78 17.79 -21.98
N ALA D 66 -42.57 18.29 -23.20
CA ALA D 66 -41.23 18.27 -23.79
C ALA D 66 -40.27 19.13 -23.00
N VAL D 67 -40.73 20.30 -22.54
CA VAL D 67 -39.87 21.18 -21.75
C VAL D 67 -39.48 20.50 -20.44
N PHE D 68 -40.44 19.87 -19.77
CA PHE D 68 -40.14 19.17 -18.53
C PHE D 68 -39.16 18.03 -18.78
N TYR D 69 -39.38 17.27 -19.85
CA TYR D 69 -38.50 16.17 -20.19
C TYR D 69 -37.08 16.66 -20.43
N CYS D 70 -36.94 17.74 -21.20
CA CYS D 70 -35.61 18.26 -21.51
C CYS D 70 -34.90 18.79 -20.27
N LEU D 71 -35.64 19.50 -19.42
CA LEU D 71 -35.03 20.04 -18.20
C LEU D 71 -34.57 18.92 -17.28
N LEU D 72 -35.42 17.89 -17.09
CA LEU D 72 -35.04 16.76 -16.26
C LEU D 72 -33.84 16.03 -16.86
N PHE D 73 -33.84 15.86 -18.18
CA PHE D 73 -32.71 15.24 -18.87
C PHE D 73 -31.42 15.95 -18.57
N VAL D 74 -31.40 17.27 -18.77
CA VAL D 74 -30.17 18.04 -18.57
C VAL D 74 -29.73 17.98 -17.11
N PHE D 75 -30.67 18.19 -16.18
CA PHE D 75 -30.30 18.26 -14.77
C PHE D 75 -29.76 16.93 -14.28
N SER D 76 -30.42 15.82 -14.62
CA SER D 76 -29.93 14.52 -14.18
C SER D 76 -28.64 14.16 -14.88
N LEU D 77 -28.47 14.57 -16.15
CA LEU D 77 -27.19 14.36 -16.81
C LEU D 77 -26.07 15.03 -16.02
N LEU D 78 -26.27 16.29 -15.63
CA LEU D 78 -25.25 16.99 -14.87
C LEU D 78 -24.96 16.29 -13.55
N GLY D 79 -26.01 15.95 -12.80
CA GLY D 79 -25.81 15.34 -11.49
C GLY D 79 -25.11 13.99 -11.58
N ASN D 80 -25.61 13.11 -12.45
CA ASN D 80 -25.02 11.79 -12.57
C ASN D 80 -23.61 11.86 -13.13
N SER D 81 -23.35 12.74 -14.09
CA SER D 81 -22.01 12.89 -14.62
C SER D 81 -21.05 13.37 -13.55
N LEU D 82 -21.50 14.28 -12.68
CA LEU D 82 -20.67 14.68 -11.56
C LEU D 82 -20.38 13.50 -10.64
N VAL D 83 -21.39 12.65 -10.39
CA VAL D 83 -21.19 11.50 -9.51
C VAL D 83 -20.14 10.55 -10.11
N ILE D 84 -20.27 10.24 -11.40
CA ILE D 84 -19.32 9.31 -12.02
C ILE D 84 -17.93 9.93 -12.08
N LEU D 85 -17.85 11.23 -12.36
CA LEU D 85 -16.55 11.89 -12.43
C LEU D 85 -15.85 11.84 -11.07
N VAL D 86 -16.60 12.06 -9.99
CA VAL D 86 -16.01 11.98 -8.66
C VAL D 86 -15.58 10.54 -8.36
N LEU D 87 -16.41 9.56 -8.69
CA LEU D 87 -16.15 8.20 -8.27
C LEU D 87 -15.06 7.52 -9.09
N VAL D 88 -15.28 7.39 -10.40
CA VAL D 88 -14.42 6.53 -11.21
C VAL D 88 -13.20 7.25 -11.77
N VAL D 89 -13.16 8.59 -11.71
CA VAL D 89 -12.06 9.37 -12.27
C VAL D 89 -11.26 10.08 -11.18
N CYS D 90 -11.91 10.98 -10.45
CA CYS D 90 -11.18 11.83 -9.51
C CYS D 90 -10.66 11.02 -8.32
N LYS D 91 -11.48 10.13 -7.79
CA LYS D 91 -11.12 9.31 -6.64
C LYS D 91 -11.15 7.83 -7.02
N LYS D 92 -11.03 6.97 -6.02
CA LYS D 92 -11.18 5.55 -6.20
C LYS D 92 -12.55 5.10 -5.69
N LEU D 93 -12.88 3.84 -6.00
CA LEU D 93 -14.08 3.21 -5.46
C LEU D 93 -13.67 2.30 -4.30
N ARG D 94 -13.42 2.95 -3.15
CA ARG D 94 -12.82 2.24 -2.03
C ARG D 94 -13.78 1.23 -1.41
N SER D 95 -15.03 1.62 -1.21
CA SER D 95 -15.99 0.80 -0.47
C SER D 95 -17.09 0.27 -1.38
N ILE D 96 -17.87 -0.66 -0.82
CA ILE D 96 -19.01 -1.23 -1.55
C ILE D 96 -20.04 -0.16 -1.86
N THR D 97 -20.16 0.85 -0.99
CA THR D 97 -21.11 1.93 -1.23
C THR D 97 -20.71 2.74 -2.46
N ASP D 98 -19.41 2.90 -2.69
CA ASP D 98 -18.97 3.57 -3.91
C ASP D 98 -19.37 2.78 -5.14
N VAL D 99 -19.24 1.46 -5.09
CA VAL D 99 -19.64 0.62 -6.22
C VAL D 99 -21.13 0.75 -6.47
N TYR D 100 -21.93 0.71 -5.41
CA TYR D 100 -23.37 0.84 -5.57
C TYR D 100 -23.76 2.21 -6.10
N LEU D 101 -23.09 3.26 -5.63
CA LEU D 101 -23.38 4.60 -6.12
C LEU D 101 -23.03 4.73 -7.60
N LEU D 102 -21.88 4.18 -8.02
CA LEU D 102 -21.51 4.24 -9.43
C LEU D 102 -22.51 3.48 -10.28
N ASN D 103 -22.92 2.30 -9.83
CA ASN D 103 -23.88 1.52 -10.61
C ASN D 103 -25.23 2.21 -10.68
N LEU D 104 -25.68 2.79 -9.57
CA LEU D 104 -26.94 3.52 -9.57
C LEU D 104 -26.88 4.75 -10.47
N ALA D 105 -25.75 5.47 -10.47
CA ALA D 105 -25.60 6.62 -11.35
C ALA D 105 -25.61 6.19 -12.80
N LEU D 106 -24.93 5.08 -13.12
CA LEU D 106 -24.96 4.58 -14.50
C LEU D 106 -26.38 4.18 -14.91
N SER D 107 -27.11 3.53 -14.02
CA SER D 107 -28.49 3.15 -14.33
C SER D 107 -29.35 4.39 -14.55
N ASP D 108 -29.17 5.41 -13.71
CA ASP D 108 -29.93 6.65 -13.88
C ASP D 108 -29.58 7.33 -15.19
N LEU D 109 -28.31 7.34 -15.56
CA LEU D 109 -27.91 7.94 -16.82
C LEU D 109 -28.48 7.17 -18.00
N LEU D 110 -28.51 5.85 -17.92
CA LEU D 110 -29.09 5.03 -18.98
C LEU D 110 -30.58 5.31 -19.12
N PHE D 111 -31.28 5.43 -17.99
CA PHE D 111 -32.69 5.82 -18.02
C PHE D 111 -32.85 7.21 -18.63
N VAL D 112 -31.97 8.13 -18.28
CA VAL D 112 -32.02 9.50 -18.77
C VAL D 112 -31.80 9.55 -20.27
N PHE D 113 -30.96 8.68 -20.81
CA PHE D 113 -30.61 8.70 -22.22
C PHE D 113 -31.83 8.53 -23.12
N SER D 114 -32.92 7.95 -22.61
CA SER D 114 -34.12 7.74 -23.40
C SER D 114 -34.98 8.99 -23.52
N PHE D 115 -34.68 10.04 -22.76
CA PHE D 115 -35.55 11.22 -22.74
C PHE D 115 -35.62 11.94 -24.07
N PRO D 116 -34.51 12.30 -24.74
CA PRO D 116 -34.66 13.14 -25.95
C PRO D 116 -35.41 12.45 -27.08
N PHE D 117 -35.32 11.13 -27.18
CA PHE D 117 -36.15 10.40 -28.14
C PHE D 117 -37.62 10.59 -27.82
N GLN D 118 -37.97 10.58 -26.53
CA GLN D 118 -39.34 10.86 -26.14
C GLN D 118 -39.74 12.29 -26.48
N THR D 119 -38.82 13.24 -26.30
CA THR D 119 -39.14 14.63 -26.62
C THR D 119 -39.44 14.79 -28.11
N TYR D 120 -38.62 14.15 -28.95
CA TYR D 120 -38.86 14.21 -30.39
C TYR D 120 -40.14 13.48 -30.77
N TYR D 121 -40.44 12.36 -30.11
CA TYR D 121 -41.68 11.64 -30.39
C TYR D 121 -42.89 12.49 -30.04
N LEU D 122 -42.82 13.23 -28.94
CA LEU D 122 -43.87 14.21 -28.67
C LEU D 122 -43.91 15.28 -29.75
N LEU D 123 -42.74 15.74 -30.19
CA LEU D 123 -42.69 16.77 -31.22
C LEU D 123 -43.16 16.25 -32.58
N ASP D 124 -42.62 15.11 -33.01
CA ASP D 124 -42.88 14.61 -34.36
C ASP D 124 -42.96 13.08 -34.31
N GLN D 125 -43.11 12.48 -35.48
CA GLN D 125 -43.25 11.03 -35.58
C GLN D 125 -41.92 10.34 -35.34
N TRP D 126 -41.99 9.05 -34.99
CA TRP D 126 -40.82 8.23 -34.76
C TRP D 126 -40.13 7.96 -36.09
N VAL D 127 -39.00 8.62 -36.34
CA VAL D 127 -38.37 8.61 -37.67
C VAL D 127 -37.08 7.83 -37.74
N PHE D 128 -36.45 7.51 -36.61
CA PHE D 128 -35.09 6.98 -36.66
C PHE D 128 -35.04 5.47 -36.82
N GLY D 129 -36.18 4.77 -36.80
CA GLY D 129 -36.20 3.38 -37.17
C GLY D 129 -36.57 2.44 -36.05
N THR D 130 -36.79 1.17 -36.43
CA THR D 130 -37.29 0.17 -35.49
C THR D 130 -36.20 -0.33 -34.55
N VAL D 131 -34.97 -0.49 -35.06
CA VAL D 131 -33.92 -1.07 -34.24
C VAL D 131 -33.60 -0.17 -33.06
N MET D 132 -33.57 1.15 -33.29
CA MET D 132 -33.38 2.00 -32.13
C MET D 132 -34.57 1.85 -31.19
N CYS D 133 -35.79 1.83 -31.73
CA CYS D 133 -36.97 1.69 -30.88
C CYS D 133 -36.79 0.50 -29.93
N LYS D 134 -36.25 -0.60 -30.43
CA LYS D 134 -35.92 -1.70 -29.54
C LYS D 134 -34.88 -1.29 -28.50
N VAL D 135 -33.79 -0.66 -28.92
CA VAL D 135 -32.71 -0.42 -27.96
C VAL D 135 -33.12 0.63 -26.93
N VAL D 136 -33.99 1.56 -27.32
CA VAL D 136 -34.42 2.61 -26.38
C VAL D 136 -35.50 2.08 -25.44
N SER D 137 -36.35 1.17 -25.92
CA SER D 137 -37.26 0.51 -25.00
C SER D 137 -36.46 -0.26 -23.96
N GLY D 138 -35.42 -0.95 -24.41
CA GLY D 138 -34.51 -1.55 -23.45
C GLY D 138 -33.91 -0.52 -22.52
N PHE D 139 -33.41 0.59 -23.07
CA PHE D 139 -32.80 1.61 -22.23
C PHE D 139 -33.73 2.00 -21.10
N TYR D 140 -34.97 2.35 -21.45
CA TYR D 140 -35.95 2.79 -20.46
C TYR D 140 -36.22 1.70 -19.43
N TYR D 141 -36.50 0.48 -19.88
CA TYR D 141 -36.96 -0.53 -18.94
C TYR D 141 -35.84 -1.11 -18.09
N ILE D 142 -34.66 -1.37 -18.66
CA ILE D 142 -33.51 -1.75 -17.84
C ILE D 142 -33.11 -0.61 -16.92
N GLY D 143 -33.27 0.65 -17.36
CA GLY D 143 -33.02 1.75 -16.45
C GLY D 143 -33.91 1.69 -15.22
N PHE D 144 -35.21 1.48 -15.44
CA PHE D 144 -36.15 1.39 -14.32
C PHE D 144 -35.79 0.24 -13.40
N TYR D 145 -35.66 -0.97 -13.99
CA TYR D 145 -35.44 -2.15 -13.16
C TYR D 145 -34.11 -2.08 -12.44
N SER D 146 -33.06 -1.64 -13.12
CA SER D 146 -31.76 -1.51 -12.49
C SER D 146 -31.79 -0.47 -11.38
N SER D 147 -32.46 0.66 -11.62
CA SER D 147 -32.54 1.69 -10.59
C SER D 147 -33.20 1.16 -9.33
N MET D 148 -34.32 0.45 -9.48
CA MET D 148 -35.03 0.01 -8.27
C MET D 148 -34.29 -1.15 -7.60
N PHE D 149 -33.70 -2.06 -8.38
CA PHE D 149 -32.91 -3.13 -7.80
C PHE D 149 -31.70 -2.59 -7.06
N PHE D 150 -31.05 -1.55 -7.61
CA PHE D 150 -29.90 -0.96 -6.95
C PHE D 150 -30.30 -0.20 -5.71
N ILE D 151 -31.47 0.45 -5.72
CA ILE D 151 -31.98 1.09 -4.52
C ILE D 151 -32.20 0.06 -3.42
N THR D 152 -32.83 -1.07 -3.77
CA THR D 152 -33.03 -2.13 -2.79
C THR D 152 -31.70 -2.69 -2.30
N LEU D 153 -30.74 -2.83 -3.20
CA LEU D 153 -29.43 -3.35 -2.82
C LEU D 153 -28.72 -2.42 -1.85
N MET D 154 -28.80 -1.11 -2.09
CA MET D 154 -28.24 -0.16 -1.14
C MET D 154 -28.95 -0.23 0.20
N SER D 155 -30.27 -0.43 0.18
CA SER D 155 -31.00 -0.57 1.44
C SER D 155 -30.52 -1.79 2.23
N VAL D 156 -30.33 -2.92 1.54
CA VAL D 156 -29.84 -4.12 2.23
C VAL D 156 -28.42 -3.91 2.72
N ASP D 157 -27.59 -3.23 1.94
CA ASP D 157 -26.23 -2.94 2.37
C ASP D 157 -26.21 -2.09 3.63
N ARG D 158 -27.05 -1.06 3.69
CA ARG D 158 -27.12 -0.23 4.88
C ARG D 158 -27.65 -1.02 6.07
N TYR D 159 -28.64 -1.88 5.84
CA TYR D 159 -29.16 -2.73 6.91
C TYR D 159 -28.07 -3.61 7.48
N LEU D 160 -27.27 -4.22 6.62
CA LEU D 160 -26.16 -5.04 7.10
C LEU D 160 -25.13 -4.19 7.83
N ALA D 161 -24.82 -3.01 7.30
CA ALA D 161 -23.79 -2.17 7.91
C ALA D 161 -24.20 -1.72 9.31
N VAL D 162 -25.47 -1.41 9.51
CA VAL D 162 -25.93 -0.88 10.79
C VAL D 162 -26.29 -1.99 11.76
N VAL D 163 -27.21 -2.86 11.36
CA VAL D 163 -27.75 -3.83 12.31
C VAL D 163 -26.72 -4.90 12.66
N HIS D 164 -26.02 -5.44 11.67
CA HIS D 164 -25.01 -6.49 11.89
C HIS D 164 -23.66 -5.98 11.43
N ALA D 165 -22.98 -5.22 12.31
CA ALA D 165 -21.69 -4.66 11.94
C ALA D 165 -20.61 -5.74 11.84
N VAL D 166 -20.58 -6.66 12.81
CA VAL D 166 -19.55 -7.69 12.83
C VAL D 166 -19.69 -8.61 11.63
N TYR D 167 -20.92 -8.89 11.21
CA TYR D 167 -21.13 -9.72 10.03
C TYR D 167 -20.86 -8.93 8.75
N ALA D 168 -21.21 -7.64 8.74
CA ALA D 168 -20.91 -6.79 7.61
C ALA D 168 -19.41 -6.66 7.40
N LEU D 169 -18.62 -6.88 8.46
CA LEU D 169 -17.17 -6.89 8.29
C LEU D 169 -16.72 -8.01 7.37
N LYS D 170 -17.32 -9.19 7.49
CA LYS D 170 -16.85 -10.34 6.71
C LYS D 170 -17.61 -10.51 5.41
N VAL D 171 -18.81 -9.94 5.28
CA VAL D 171 -19.57 -10.12 4.06
C VAL D 171 -19.37 -8.99 3.05
N ARG D 172 -19.24 -7.75 3.52
CA ARG D 172 -19.20 -6.60 2.63
C ARG D 172 -17.78 -6.43 2.08
N THR D 173 -17.57 -6.90 0.85
CA THR D 173 -16.34 -6.70 0.12
C THR D 173 -16.68 -6.16 -1.27
N ILE D 174 -15.68 -5.55 -1.91
CA ILE D 174 -15.89 -4.99 -3.24
C ILE D 174 -16.28 -6.08 -4.23
N ARG D 175 -15.69 -7.27 -4.09
CA ARG D 175 -16.01 -8.37 -4.99
C ARG D 175 -17.48 -8.76 -4.88
N MET D 176 -18.01 -8.82 -3.66
CA MET D 176 -19.42 -9.13 -3.48
C MET D 176 -20.31 -8.05 -4.07
N GLY D 177 -19.91 -6.78 -3.92
CA GLY D 177 -20.67 -5.71 -4.53
C GLY D 177 -20.71 -5.81 -6.04
N THR D 178 -19.56 -6.11 -6.64
CA THR D 178 -19.52 -6.29 -8.09
C THR D 178 -20.35 -7.48 -8.54
N THR D 179 -20.29 -8.58 -7.79
CA THR D 179 -21.10 -9.76 -8.13
C THR D 179 -22.59 -9.42 -8.08
N LEU D 180 -23.02 -8.73 -7.03
CA LEU D 180 -24.43 -8.37 -6.92
C LEU D 180 -24.82 -7.35 -7.98
N CYS D 181 -23.92 -6.43 -8.35
CA CYS D 181 -24.23 -5.47 -9.40
C CYS D 181 -24.40 -6.16 -10.74
N LEU D 182 -23.52 -7.11 -11.05
CA LEU D 182 -23.67 -7.89 -12.28
C LEU D 182 -24.98 -8.70 -12.25
N ALA D 183 -25.32 -9.24 -11.08
CA ALA D 183 -26.58 -9.97 -10.97
C ALA D 183 -27.77 -9.05 -11.22
N VAL D 184 -27.72 -7.82 -10.70
CA VAL D 184 -28.82 -6.88 -10.88
C VAL D 184 -28.95 -6.50 -12.35
N TRP D 185 -27.82 -6.22 -13.00
CA TRP D 185 -27.87 -5.90 -14.42
C TRP D 185 -28.41 -7.07 -15.23
N LEU D 186 -28.00 -8.29 -14.89
CA LEU D 186 -28.46 -9.47 -15.60
C LEU D 186 -29.95 -9.67 -15.43
N THR D 187 -30.46 -9.52 -14.20
CA THR D 187 -31.89 -9.76 -13.99
C THR D 187 -32.73 -8.66 -14.62
N ALA D 188 -32.21 -7.43 -14.64
CA ALA D 188 -32.91 -6.37 -15.35
C ALA D 188 -32.98 -6.65 -16.85
N ILE D 189 -31.84 -7.08 -17.44
CA ILE D 189 -31.85 -7.42 -18.86
C ILE D 189 -32.81 -8.58 -19.12
N MET D 190 -32.82 -9.57 -18.22
CA MET D 190 -33.70 -10.72 -18.40
C MET D 190 -35.16 -10.32 -18.33
N ALA D 191 -35.51 -9.42 -17.42
CA ALA D 191 -36.89 -8.95 -17.33
C ALA D 191 -37.24 -8.07 -18.51
N THR D 192 -36.24 -7.51 -19.19
CA THR D 192 -36.54 -6.55 -20.24
C THR D 192 -36.57 -7.15 -21.64
N ILE D 193 -35.95 -8.33 -21.86
CA ILE D 193 -35.99 -8.93 -23.21
C ILE D 193 -37.40 -9.04 -23.78
N PRO D 194 -38.41 -9.53 -23.05
CA PRO D 194 -39.75 -9.61 -23.66
C PRO D 194 -40.27 -8.26 -24.14
N LEU D 195 -40.11 -7.22 -23.33
CA LEU D 195 -40.49 -5.89 -23.77
C LEU D 195 -39.51 -5.30 -24.78
N LEU D 196 -38.26 -5.77 -24.77
CA LEU D 196 -37.30 -5.32 -25.77
C LEU D 196 -37.68 -5.82 -27.15
N VAL D 197 -38.31 -7.00 -27.22
CA VAL D 197 -38.67 -7.55 -28.53
C VAL D 197 -40.11 -7.28 -28.91
N PHE D 198 -40.99 -7.02 -27.93
CA PHE D 198 -42.40 -6.82 -28.28
C PHE D 198 -42.66 -5.41 -28.81
N TYR D 199 -41.73 -4.47 -28.61
CA TYR D 199 -41.92 -3.13 -29.14
C TYR D 199 -41.68 -3.09 -30.64
N GLN D 200 -42.54 -2.37 -31.35
CA GLN D 200 -42.45 -2.21 -32.79
C GLN D 200 -42.92 -0.82 -33.17
N VAL D 201 -42.59 -0.42 -34.40
CA VAL D 201 -42.95 0.90 -34.91
C VAL D 201 -44.04 0.73 -35.95
N ALA D 202 -45.14 1.46 -35.77
CA ALA D 202 -46.26 1.42 -36.70
C ALA D 202 -46.63 2.85 -37.09
N SER D 203 -46.99 3.04 -38.36
CA SER D 203 -47.39 4.33 -38.87
C SER D 203 -48.91 4.43 -38.83
N GLU D 204 -49.43 5.29 -37.97
CA GLU D 204 -50.86 5.52 -37.84
C GLU D 204 -51.20 6.90 -38.38
N ASP D 205 -52.04 6.94 -39.40
CA ASP D 205 -52.45 8.19 -40.06
C ASP D 205 -51.22 8.97 -40.55
N GLY D 206 -50.24 8.25 -41.07
CA GLY D 206 -49.02 8.85 -41.56
C GLY D 206 -48.01 9.23 -40.50
N VAL D 207 -48.27 8.92 -39.24
CA VAL D 207 -47.38 9.27 -38.12
C VAL D 207 -46.81 7.97 -37.57
N LEU D 208 -45.51 7.78 -37.73
CA LEU D 208 -44.86 6.59 -37.21
C LEU D 208 -44.68 6.72 -35.70
N GLN D 209 -45.07 5.68 -34.97
CA GLN D 209 -44.95 5.67 -33.51
C GLN D 209 -44.32 4.36 -33.07
N CYS D 210 -43.27 4.46 -32.26
CA CYS D 210 -42.68 3.28 -31.61
C CYS D 210 -43.44 3.08 -30.30
N TYR D 211 -44.21 2.00 -30.23
CA TYR D 211 -45.06 1.72 -29.08
C TYR D 211 -45.33 0.23 -29.03
N SER D 212 -45.98 -0.19 -27.94
CA SER D 212 -46.39 -1.57 -27.81
C SER D 212 -47.59 -1.85 -28.70
N PHE D 213 -47.36 -2.52 -29.82
CA PHE D 213 -48.42 -2.84 -30.78
C PHE D 213 -48.47 -4.35 -30.96
N TYR D 214 -49.55 -4.96 -30.48
CA TYR D 214 -49.71 -6.40 -30.55
C TYR D 214 -51.00 -6.75 -31.28
N ASN D 215 -51.24 -8.05 -31.39
CA ASN D 215 -52.51 -8.56 -31.87
C ASN D 215 -53.49 -8.67 -30.71
N GLN D 216 -54.73 -9.04 -31.04
CA GLN D 216 -55.74 -9.20 -29.99
C GLN D 216 -55.36 -10.29 -29.02
N GLN D 217 -54.84 -11.42 -29.52
CA GLN D 217 -54.44 -12.51 -28.64
C GLN D 217 -53.27 -12.11 -27.74
N THR D 218 -52.41 -11.23 -28.23
CA THR D 218 -51.24 -10.79 -27.47
C THR D 218 -51.54 -9.60 -26.58
N LEU D 219 -52.77 -9.05 -26.66
CA LEU D 219 -53.16 -7.96 -25.78
C LEU D 219 -53.01 -8.35 -24.31
N LYS D 220 -53.20 -9.63 -23.98
CA LYS D 220 -53.02 -10.09 -22.61
C LYS D 220 -51.60 -9.84 -22.12
N TRP D 221 -50.62 -9.88 -23.03
CA TRP D 221 -49.24 -9.64 -22.63
C TRP D 221 -49.06 -8.23 -22.09
N LYS D 222 -49.79 -7.26 -22.64
CA LYS D 222 -49.70 -5.89 -22.15
C LYS D 222 -50.10 -5.80 -20.68
N ILE D 223 -51.11 -6.58 -20.28
CA ILE D 223 -51.48 -6.64 -18.87
C ILE D 223 -50.33 -7.19 -18.04
N PHE D 224 -49.64 -8.20 -18.56
CA PHE D 224 -48.54 -8.81 -17.84
C PHE D 224 -47.38 -7.85 -17.63
N THR D 225 -47.18 -6.91 -18.56
CA THR D 225 -46.13 -5.90 -18.37
C THR D 225 -46.40 -5.07 -17.13
N ASN D 226 -47.62 -4.55 -16.99
CA ASN D 226 -47.93 -3.69 -15.86
C ASN D 226 -47.83 -4.44 -14.53
N PHE D 227 -48.35 -5.67 -14.50
CA PHE D 227 -48.28 -6.45 -13.26
C PHE D 227 -46.84 -6.78 -12.89
N LYS D 228 -46.02 -7.15 -13.87
CA LYS D 228 -44.60 -7.34 -13.59
C LYS D 228 -43.95 -6.04 -13.16
N MET D 229 -44.35 -4.93 -13.77
CA MET D 229 -43.86 -3.62 -13.34
C MET D 229 -44.34 -3.26 -11.95
N ASN D 230 -45.34 -3.99 -11.42
CA ASN D 230 -45.82 -3.73 -10.08
C ASN D 230 -45.21 -4.69 -9.06
N ILE D 231 -45.09 -5.96 -9.42
CA ILE D 231 -44.58 -6.96 -8.48
C ILE D 231 -43.07 -6.93 -8.48
N LEU D 232 -42.46 -7.20 -9.64
CA LEU D 232 -41.02 -7.07 -9.75
C LEU D 232 -40.56 -5.63 -9.68
N GLY D 233 -41.43 -4.69 -9.99
CA GLY D 233 -41.07 -3.29 -9.95
C GLY D 233 -41.18 -2.68 -8.57
N LEU D 234 -42.38 -2.72 -7.98
CA LEU D 234 -42.64 -2.02 -6.72
C LEU D 234 -42.74 -2.97 -5.54
N LEU D 235 -43.53 -4.04 -5.65
CA LEU D 235 -43.86 -4.84 -4.48
C LEU D 235 -42.62 -5.54 -3.91
N ILE D 236 -41.89 -6.27 -4.76
CA ILE D 236 -40.74 -7.05 -4.30
C ILE D 236 -39.64 -6.15 -3.76
N PRO D 237 -39.22 -5.07 -4.46
CA PRO D 237 -38.15 -4.23 -3.91
C PRO D 237 -38.56 -3.49 -2.64
N PHE D 238 -39.72 -2.84 -2.66
CA PHE D 238 -40.11 -2.01 -1.54
C PHE D 238 -40.38 -2.83 -0.28
N THR D 239 -40.73 -4.11 -0.43
CA THR D 239 -40.91 -4.96 0.74
C THR D 239 -39.58 -5.12 1.49
N ILE D 240 -38.50 -5.34 0.76
CA ILE D 240 -37.17 -5.37 1.38
C ILE D 240 -36.70 -3.96 1.72
N PHE D 241 -37.00 -3.00 0.86
CA PHE D 241 -36.55 -1.62 1.07
C PHE D 241 -37.14 -1.04 2.34
N MET D 242 -38.43 -1.24 2.58
CA MET D 242 -39.06 -0.66 3.77
C MET D 242 -38.67 -1.41 5.02
N PHE D 243 -38.58 -2.74 4.94
CA PHE D 243 -38.24 -3.52 6.12
C PHE D 243 -36.83 -3.19 6.63
N CYS D 244 -35.87 -3.06 5.70
CA CYS D 244 -34.50 -2.78 6.10
C CYS D 244 -34.39 -1.41 6.77
N TYR D 245 -35.06 -0.40 6.21
CA TYR D 245 -34.98 0.94 6.79
C TYR D 245 -35.80 1.07 8.07
N ILE D 246 -36.90 0.33 8.20
CA ILE D 246 -37.65 0.34 9.45
C ILE D 246 -36.80 -0.22 10.58
N LYS D 247 -36.09 -1.33 10.31
CA LYS D 247 -35.21 -1.90 11.31
C LYS D 247 -33.96 -1.05 11.55
N ILE D 248 -33.50 -0.32 10.52
CA ILE D 248 -32.40 0.61 10.72
C ILE D 248 -32.81 1.70 11.69
N LEU D 249 -34.02 2.23 11.55
CA LEU D 249 -34.50 3.27 12.46
C LEU D 249 -34.64 2.74 13.87
N HIS D 250 -35.07 1.47 14.02
CA HIS D 250 -35.19 0.89 15.35
C HIS D 250 -33.85 0.84 16.07
N GLN D 251 -32.81 0.39 15.36
CA GLN D 251 -31.49 0.33 15.98
C GLN D 251 -30.93 1.73 16.24
N LEU D 252 -31.16 2.66 15.33
CA LEU D 252 -30.65 4.02 15.51
C LEU D 252 -31.28 4.69 16.73
N LYS D 253 -32.58 4.46 16.96
CA LYS D 253 -33.23 5.01 18.14
C LYS D 253 -32.59 4.48 19.42
N ARG D 254 -32.36 3.17 19.48
CA ARG D 254 -31.73 2.55 20.66
C ARG D 254 -30.21 2.57 20.49
N CYS D 255 -29.66 3.79 20.53
CA CYS D 255 -28.23 3.99 20.39
C CYS D 255 -27.84 5.28 21.09
N GLN D 256 -26.54 5.40 21.38
CA GLN D 256 -25.98 6.57 22.05
C GLN D 256 -24.79 7.06 21.24
N ASN D 257 -25.03 8.04 20.37
CA ASN D 257 -23.98 8.65 19.59
C ASN D 257 -24.47 9.99 19.06
N HIS D 258 -23.53 10.78 18.53
CA HIS D 258 -23.89 12.08 17.98
C HIS D 258 -24.45 11.96 16.56
N ASN D 259 -24.11 10.90 15.84
CA ASN D 259 -24.48 10.75 14.45
C ASN D 259 -25.84 10.07 14.26
N LYS D 260 -26.53 9.73 15.34
CA LYS D 260 -27.80 9.02 15.20
C LYS D 260 -28.89 9.92 14.62
N THR D 261 -28.91 11.20 14.99
CA THR D 261 -30.01 12.08 14.59
C THR D 261 -29.97 12.36 13.10
N LYS D 262 -28.80 12.72 12.57
CA LYS D 262 -28.69 13.00 11.14
C LYS D 262 -28.95 11.75 10.31
N ALA D 263 -28.46 10.60 10.77
CA ALA D 263 -28.74 9.35 10.06
C ALA D 263 -30.23 9.05 10.05
N ILE D 264 -30.92 9.27 11.16
CA ILE D 264 -32.37 9.07 11.21
C ILE D 264 -33.05 9.99 10.21
N ARG D 265 -32.65 11.26 10.20
CA ARG D 265 -33.26 12.21 9.28
C ARG D 265 -33.06 11.79 7.83
N LEU D 266 -31.84 11.37 7.48
CA LEU D 266 -31.58 11.00 6.10
C LEU D 266 -32.28 9.70 5.72
N VAL D 267 -32.40 8.75 6.64
CA VAL D 267 -33.16 7.54 6.35
C VAL D 267 -34.62 7.87 6.08
N LEU D 268 -35.20 8.76 6.90
CA LEU D 268 -36.58 9.17 6.65
C LEU D 268 -36.70 9.88 5.31
N ILE D 269 -35.72 10.71 4.97
CA ILE D 269 -35.75 11.41 3.70
C ILE D 269 -35.74 10.42 2.54
N VAL D 270 -34.85 9.42 2.61
CA VAL D 270 -34.77 8.42 1.54
C VAL D 270 -36.09 7.66 1.42
N VAL D 271 -36.65 7.26 2.56
CA VAL D 271 -37.89 6.47 2.52
C VAL D 271 -39.02 7.28 1.91
N ILE D 272 -39.18 8.54 2.36
CA ILE D 272 -40.27 9.37 1.85
C ILE D 272 -40.08 9.65 0.37
N ALA D 273 -38.85 9.95 -0.05
CA ALA D 273 -38.60 10.23 -1.46
C ALA D 273 -38.91 9.01 -2.33
N SER D 274 -38.44 7.83 -1.92
CA SER D 274 -38.68 6.64 -2.71
C SER D 274 -40.16 6.30 -2.80
N LEU D 275 -40.87 6.39 -1.67
CA LEU D 275 -42.30 6.13 -1.69
C LEU D 275 -43.02 7.12 -2.61
N LEU D 276 -42.77 8.41 -2.41
CA LEU D 276 -43.41 9.43 -3.24
C LEU D 276 -43.06 9.28 -4.70
N PHE D 277 -41.91 8.69 -5.00
CA PHE D 277 -41.44 8.64 -6.38
C PHE D 277 -41.97 7.42 -7.12
N TRP D 278 -42.25 6.34 -6.39
CA TRP D 278 -42.63 5.09 -7.05
C TRP D 278 -44.05 4.63 -6.78
N VAL D 279 -44.58 4.82 -5.57
CA VAL D 279 -45.94 4.34 -5.28
C VAL D 279 -46.99 4.99 -6.16
N PRO D 280 -47.00 6.30 -6.39
CA PRO D 280 -48.04 6.88 -7.26
C PRO D 280 -48.02 6.32 -8.68
N PHE D 281 -46.84 6.21 -9.28
CA PHE D 281 -46.75 5.73 -10.65
C PHE D 281 -47.21 4.29 -10.76
N ASN D 282 -46.84 3.44 -9.80
CA ASN D 282 -47.26 2.05 -9.85
C ASN D 282 -48.75 1.91 -9.55
N VAL D 283 -49.30 2.73 -8.67
CA VAL D 283 -50.74 2.69 -8.42
C VAL D 283 -51.50 3.08 -9.68
N VAL D 284 -51.04 4.12 -10.37
CA VAL D 284 -51.73 4.51 -11.61
C VAL D 284 -51.55 3.46 -12.68
N LEU D 285 -50.41 2.76 -12.70
CA LEU D 285 -50.24 1.65 -13.63
C LEU D 285 -51.22 0.53 -13.33
N PHE D 286 -51.42 0.24 -12.04
CA PHE D 286 -52.41 -0.77 -11.66
C PHE D 286 -53.81 -0.34 -12.08
N LEU D 287 -54.12 0.95 -11.96
CA LEU D 287 -55.42 1.44 -12.38
C LEU D 287 -55.60 1.30 -13.88
N THR D 288 -54.56 1.61 -14.66
CA THR D 288 -54.64 1.43 -16.11
C THR D 288 -54.80 -0.05 -16.46
N SER D 289 -54.13 -0.93 -15.73
CA SER D 289 -54.31 -2.36 -15.94
C SER D 289 -55.75 -2.77 -15.68
N LEU D 290 -56.34 -2.26 -14.59
CA LEU D 290 -57.72 -2.56 -14.28
C LEU D 290 -58.65 -2.06 -15.39
N HIS D 291 -58.37 -0.87 -15.92
CA HIS D 291 -59.15 -0.35 -17.04
C HIS D 291 -59.02 -1.26 -18.25
N SER D 292 -57.82 -1.76 -18.51
CA SER D 292 -57.63 -2.65 -19.65
C SER D 292 -58.39 -3.95 -19.48
N MET D 293 -58.41 -4.50 -18.26
CA MET D 293 -59.26 -5.67 -18.01
C MET D 293 -60.73 -5.32 -17.93
N HIS D 294 -61.10 -4.07 -18.22
CA HIS D 294 -62.49 -3.63 -18.32
C HIS D 294 -63.25 -3.76 -17.02
N ILE D 295 -62.56 -3.81 -15.88
CA ILE D 295 -63.24 -3.76 -14.60
C ILE D 295 -63.91 -2.40 -14.42
N LEU D 296 -63.21 -1.33 -14.78
CA LEU D 296 -63.78 0.02 -14.83
C LEU D 296 -63.46 0.59 -16.21
N ASP D 297 -64.44 0.53 -17.10
CA ASP D 297 -64.25 0.87 -18.51
C ASP D 297 -65.04 2.11 -18.87
N GLY D 298 -64.44 2.98 -19.67
CA GLY D 298 -65.08 4.19 -20.14
C GLY D 298 -64.10 5.11 -20.84
N CYS D 299 -64.62 6.09 -21.58
CA CYS D 299 -63.75 7.03 -22.29
C CYS D 299 -63.22 8.12 -21.37
N SER D 300 -64.11 8.71 -20.55
CA SER D 300 -63.69 9.77 -19.64
C SER D 300 -62.68 9.25 -18.62
N ILE D 301 -62.94 8.07 -18.05
CA ILE D 301 -62.01 7.52 -17.08
C ILE D 301 -60.69 7.21 -17.76
N SER D 302 -60.74 6.77 -19.02
CA SER D 302 -59.51 6.52 -19.77
C SER D 302 -58.71 7.80 -19.94
N GLN D 303 -59.38 8.91 -20.26
CA GLN D 303 -58.68 10.19 -20.39
C GLN D 303 -58.05 10.60 -19.07
N GLN D 304 -58.77 10.39 -17.97
CA GLN D 304 -58.21 10.71 -16.66
C GLN D 304 -56.96 9.90 -16.37
N LEU D 305 -56.98 8.61 -16.70
CA LEU D 305 -55.75 7.82 -16.51
C LEU D 305 -54.64 8.23 -17.46
N THR D 306 -54.96 8.69 -18.66
CA THR D 306 -53.90 9.19 -19.53
C THR D 306 -53.18 10.38 -18.90
N TYR D 307 -53.96 11.36 -18.42
CA TYR D 307 -53.35 12.51 -17.78
C TYR D 307 -52.61 12.10 -16.51
N ALA D 308 -53.20 11.21 -15.72
CA ALA D 308 -52.57 10.78 -14.47
C ALA D 308 -51.29 10.03 -14.73
N THR D 309 -51.26 9.20 -15.77
CA THR D 309 -50.03 8.50 -16.14
C THR D 309 -48.96 9.48 -16.56
N HIS D 310 -49.33 10.53 -17.30
CA HIS D 310 -48.34 11.53 -17.67
C HIS D 310 -47.74 12.20 -16.43
N VAL D 311 -48.60 12.66 -15.52
CA VAL D 311 -48.10 13.35 -14.33
C VAL D 311 -47.26 12.42 -13.46
N THR D 312 -47.72 11.17 -13.29
CA THR D 312 -46.99 10.23 -12.46
C THR D 312 -45.67 9.83 -13.09
N GLU D 313 -45.60 9.77 -14.42
CA GLU D 313 -44.31 9.56 -15.07
C GLU D 313 -43.37 10.72 -14.79
N ILE D 314 -43.89 11.95 -14.88
CA ILE D 314 -43.07 13.12 -14.58
C ILE D 314 -42.49 13.01 -13.18
N ILE D 315 -43.36 12.73 -12.21
CA ILE D 315 -42.94 12.62 -10.81
C ILE D 315 -41.97 11.46 -10.64
N SER D 316 -42.23 10.35 -11.32
CA SER D 316 -41.42 9.15 -11.13
C SER D 316 -40.01 9.35 -11.62
N PHE D 317 -39.84 10.01 -12.77
CA PHE D 317 -38.49 10.18 -13.28
C PHE D 317 -37.92 11.58 -13.02
N THR D 318 -38.49 12.34 -12.09
CA THR D 318 -37.59 13.26 -11.39
C THR D 318 -36.66 12.54 -10.43
N HIS D 319 -36.87 11.23 -10.21
CA HIS D 319 -35.97 10.47 -9.37
C HIS D 319 -34.56 10.41 -9.95
N CYS D 320 -34.45 10.40 -11.28
CA CYS D 320 -33.12 10.35 -11.89
C CYS D 320 -32.28 11.55 -11.53
N CYS D 321 -32.90 12.64 -11.07
CA CYS D 321 -32.19 13.80 -10.56
C CYS D 321 -32.11 13.82 -9.04
N VAL D 322 -33.19 13.45 -8.35
CA VAL D 322 -33.20 13.54 -6.89
C VAL D 322 -32.29 12.47 -6.27
N ASN D 323 -32.34 11.24 -6.79
CA ASN D 323 -31.56 10.15 -6.21
C ASN D 323 -30.07 10.45 -6.15
N PRO D 324 -29.41 11.00 -7.17
CA PRO D 324 -28.01 11.40 -7.00
C PRO D 324 -27.80 12.31 -5.80
N VAL D 325 -28.62 13.35 -5.67
CA VAL D 325 -28.45 14.29 -4.56
C VAL D 325 -28.57 13.57 -3.22
N ILE D 326 -29.66 12.83 -3.05
CA ILE D 326 -29.97 12.21 -1.77
C ILE D 326 -28.93 11.17 -1.40
N TYR D 327 -28.54 10.34 -2.37
CA TYR D 327 -27.65 9.22 -2.07
C TYR D 327 -26.18 9.63 -1.97
N ALA D 328 -25.74 10.63 -2.72
CA ALA D 328 -24.34 11.01 -2.70
C ALA D 328 -24.11 12.43 -2.22
N PHE D 329 -24.77 13.43 -2.81
CA PHE D 329 -24.35 14.81 -2.64
C PHE D 329 -24.43 15.24 -1.18
N VAL D 330 -25.52 14.88 -0.51
CA VAL D 330 -25.59 15.08 0.93
C VAL D 330 -24.84 13.95 1.62
N GLY D 331 -24.12 14.30 2.69
CA GLY D 331 -23.28 13.33 3.36
C GLY D 331 -21.83 13.77 3.40
N GLU D 332 -21.07 13.27 4.37
CA GLU D 332 -19.71 13.80 4.59
C GLU D 332 -18.76 13.38 3.48
N LYS D 333 -18.85 12.14 3.01
CA LYS D 333 -17.84 11.61 2.10
C LYS D 333 -17.83 12.37 0.78
N PHE D 334 -19.00 12.50 0.14
CA PHE D 334 -19.04 13.14 -1.17
C PHE D 334 -18.78 14.63 -1.06
N LYS D 335 -19.23 15.27 0.01
CA LYS D 335 -18.89 16.68 0.23
C LYS D 335 -17.38 16.86 0.36
N LYS D 336 -16.73 15.97 1.10
CA LYS D 336 -15.28 16.05 1.25
C LYS D 336 -14.59 15.81 -0.08
N HIS D 337 -15.08 14.85 -0.87
CA HIS D 337 -14.49 14.61 -2.18
C HIS D 337 -14.64 15.82 -3.09
N LEU D 338 -15.81 16.46 -3.06
CA LEU D 338 -16.02 17.66 -3.85
C LEU D 338 -15.12 18.80 -3.38
N SER D 339 -14.91 18.91 -2.06
CA SER D 339 -13.99 19.92 -1.54
C SER D 339 -12.56 19.67 -2.01
N GLU D 340 -12.13 18.41 -2.00
CA GLU D 340 -10.81 18.07 -2.49
C GLU D 340 -10.67 18.38 -3.97
N ILE D 341 -11.71 18.09 -4.76
CA ILE D 341 -11.68 18.43 -6.18
C ILE D 341 -11.59 19.93 -6.37
N PHE D 342 -12.39 20.69 -5.62
CA PHE D 342 -12.37 22.15 -5.72
C PHE D 342 -11.01 22.72 -5.33
N GLN D 343 -10.32 22.07 -4.38
CA GLN D 343 -8.99 22.51 -4.01
C GLN D 343 -8.03 22.38 -5.19
N LYS D 344 -8.16 21.32 -5.97
CA LYS D 344 -7.32 21.11 -7.14
C LYS D 344 -7.52 22.21 -8.17
N VAL E 40 18.51 -28.52 -0.09
CA VAL E 40 17.63 -28.65 -1.23
C VAL E 40 17.82 -30.01 -1.90
N GLN E 41 16.70 -30.69 -2.16
CA GLN E 41 16.71 -32.00 -2.80
C GLN E 41 15.44 -32.14 -3.64
N LEU E 42 15.59 -32.83 -4.77
CA LEU E 42 14.47 -33.13 -5.67
C LEU E 42 14.54 -34.62 -5.99
N VAL E 43 13.94 -35.43 -5.13
CA VAL E 43 13.88 -36.87 -5.34
C VAL E 43 12.72 -37.19 -6.27
N GLU E 44 12.98 -37.96 -7.32
CA GLU E 44 12.00 -38.24 -8.36
C GLU E 44 11.69 -39.74 -8.35
N SER E 45 10.41 -40.07 -8.38
CA SER E 45 9.95 -41.45 -8.34
C SER E 45 9.13 -41.76 -9.59
N GLY E 46 9.12 -43.03 -9.95
CA GLY E 46 8.41 -43.47 -11.13
C GLY E 46 9.22 -44.45 -11.95
N GLY E 47 9.26 -44.26 -13.27
CA GLY E 47 10.08 -45.10 -14.11
C GLY E 47 9.58 -46.53 -14.19
N GLY E 48 10.51 -47.45 -14.44
CA GLY E 48 10.17 -48.85 -14.60
C GLY E 48 9.92 -49.23 -16.04
N LEU E 49 9.82 -50.54 -16.26
CA LEU E 49 9.59 -51.07 -17.60
C LEU E 49 8.17 -50.79 -18.03
N VAL E 50 8.01 -50.24 -19.23
CA VAL E 50 6.70 -49.89 -19.77
C VAL E 50 6.57 -50.49 -21.17
N GLN E 51 5.43 -51.11 -21.44
CA GLN E 51 5.11 -51.61 -22.76
C GLN E 51 4.73 -50.44 -23.68
N PRO E 52 4.98 -50.57 -24.99
CA PRO E 52 4.65 -49.47 -25.91
C PRO E 52 3.16 -49.16 -25.90
N GLY E 53 2.84 -47.88 -25.97
CA GLY E 53 1.47 -47.43 -25.88
C GLY E 53 0.90 -47.35 -24.49
N GLY E 54 1.67 -47.70 -23.47
CA GLY E 54 1.19 -47.67 -22.10
C GLY E 54 1.24 -46.27 -21.51
N SER E 55 0.90 -46.19 -20.22
CA SER E 55 0.86 -44.94 -19.50
C SER E 55 1.50 -45.10 -18.13
N ARG E 56 2.23 -44.08 -17.69
CA ARG E 56 2.88 -44.07 -16.39
C ARG E 56 2.84 -42.67 -15.81
N LYS E 57 3.10 -42.57 -14.51
CA LYS E 57 3.14 -41.31 -13.79
C LYS E 57 4.51 -41.09 -13.16
N LEU E 58 5.03 -39.88 -13.31
CA LEU E 58 6.32 -39.49 -12.74
C LEU E 58 6.10 -38.49 -11.64
N SER E 59 6.67 -38.76 -10.47
CA SER E 59 6.50 -37.92 -9.29
C SER E 59 7.84 -37.36 -8.85
N CYS E 60 7.90 -36.05 -8.69
CA CYS E 60 9.10 -35.36 -8.21
C CYS E 60 8.80 -34.78 -6.84
N SER E 61 9.51 -35.26 -5.82
CA SER E 61 9.30 -34.83 -4.44
C SER E 61 10.30 -33.75 -4.09
N ALA E 62 9.81 -32.63 -3.56
CA ALA E 62 10.63 -31.48 -3.23
C ALA E 62 10.76 -31.34 -1.72
N SER E 63 11.99 -31.17 -1.26
CA SER E 63 12.27 -30.98 0.16
C SER E 63 13.47 -30.07 0.31
N GLY E 64 13.31 -28.97 1.04
CA GLY E 64 14.39 -28.04 1.30
C GLY E 64 14.25 -26.67 0.68
N PHE E 65 13.11 -26.35 0.07
CA PHE E 65 12.92 -25.03 -0.51
C PHE E 65 11.43 -24.77 -0.67
N ALA E 66 11.10 -23.50 -0.90
CA ALA E 66 9.71 -23.08 -1.08
C ALA E 66 9.22 -23.56 -2.44
N PHE E 67 8.44 -24.64 -2.44
CA PHE E 67 7.96 -25.20 -3.70
C PHE E 67 6.95 -24.28 -4.38
N SER E 68 6.13 -23.58 -3.60
CA SER E 68 5.08 -22.76 -4.17
C SER E 68 5.65 -21.62 -5.00
N SER E 69 6.79 -21.06 -4.57
CA SER E 69 7.35 -19.91 -5.27
C SER E 69 8.03 -20.30 -6.57
N PHE E 70 8.64 -21.48 -6.63
CA PHE E 70 9.44 -21.86 -7.78
C PHE E 70 8.57 -22.38 -8.92
N GLY E 71 8.86 -21.93 -10.14
CA GLY E 71 8.33 -22.57 -11.32
C GLY E 71 9.11 -23.84 -11.60
N MET E 72 8.43 -24.83 -12.16
CA MET E 72 8.98 -26.17 -12.24
C MET E 72 9.00 -26.65 -13.69
N HIS E 73 10.03 -27.40 -14.05
CA HIS E 73 10.21 -27.91 -15.40
C HIS E 73 10.41 -29.43 -15.37
N TRP E 74 10.32 -30.04 -16.55
CA TRP E 74 10.65 -31.45 -16.74
C TRP E 74 11.57 -31.54 -17.95
N VAL E 75 12.72 -32.19 -17.79
CA VAL E 75 13.72 -32.29 -18.83
C VAL E 75 14.10 -33.75 -19.03
N ARG E 76 14.20 -34.16 -20.29
CA ARG E 76 14.45 -35.54 -20.69
C ARG E 76 15.83 -35.66 -21.31
N GLN E 77 16.56 -36.71 -20.91
CA GLN E 77 17.86 -37.02 -21.50
C GLN E 77 17.84 -38.45 -22.00
N ALA E 78 18.04 -38.61 -23.32
CA ALA E 78 18.05 -39.92 -23.94
C ALA E 78 19.24 -40.73 -23.45
N PRO E 79 19.19 -42.07 -23.58
CA PRO E 79 20.27 -42.90 -23.04
C PRO E 79 21.65 -42.56 -23.59
N GLU E 80 21.74 -42.14 -24.85
CA GLU E 80 23.01 -41.78 -25.44
C GLU E 80 23.03 -40.38 -26.05
N LYS E 81 21.98 -39.60 -25.88
CA LYS E 81 21.87 -38.30 -26.51
C LYS E 81 21.74 -37.20 -25.45
N GLY E 82 21.49 -35.98 -25.92
CA GLY E 82 21.49 -34.82 -25.05
C GLY E 82 20.16 -34.58 -24.37
N LEU E 83 20.00 -33.36 -23.86
CA LEU E 83 18.82 -32.97 -23.13
C LEU E 83 17.75 -32.40 -24.06
N GLU E 84 16.49 -32.62 -23.69
CA GLU E 84 15.37 -32.07 -24.44
C GLU E 84 14.27 -31.68 -23.47
N TRP E 85 13.73 -30.48 -23.67
CA TRP E 85 12.70 -29.94 -22.78
C TRP E 85 11.37 -30.64 -23.03
N VAL E 86 10.60 -30.83 -21.96
CA VAL E 86 9.35 -31.57 -22.02
C VAL E 86 8.17 -30.68 -21.65
N ALA E 87 8.14 -30.16 -20.42
CA ALA E 87 7.02 -29.37 -19.96
C ALA E 87 7.48 -28.43 -18.86
N TYR E 88 6.65 -27.44 -18.57
CA TYR E 88 6.95 -26.45 -17.55
C TYR E 88 5.66 -25.97 -16.91
N ILE E 89 5.66 -25.87 -15.59
CA ILE E 89 4.53 -25.34 -14.83
C ILE E 89 5.02 -24.18 -13.98
N SER E 90 4.25 -23.11 -13.94
CA SER E 90 4.67 -21.91 -13.24
C SER E 90 4.21 -21.95 -11.79
N SER E 91 4.67 -20.98 -11.02
CA SER E 91 4.24 -20.83 -9.64
C SER E 91 2.73 -20.57 -9.61
N GLY E 92 2.01 -21.36 -8.84
CA GLY E 92 0.56 -21.27 -8.80
C GLY E 92 -0.14 -21.89 -9.98
N SER E 93 0.57 -22.62 -10.84
CA SER E 93 -0.01 -23.29 -12.01
C SER E 93 -0.68 -22.29 -12.95
N GLY E 94 -0.18 -21.06 -12.98
CA GLY E 94 -0.78 -20.04 -13.83
C GLY E 94 -0.67 -20.35 -15.31
N THR E 95 0.52 -20.74 -15.76
CA THR E 95 0.75 -21.05 -17.16
C THR E 95 1.47 -22.39 -17.27
N ILE E 96 1.14 -23.14 -18.33
CA ILE E 96 1.72 -24.45 -18.58
C ILE E 96 2.08 -24.53 -20.05
N TYR E 97 3.30 -24.99 -20.33
CA TYR E 97 3.81 -25.10 -21.70
C TYR E 97 4.41 -26.47 -21.92
N TYR E 98 4.12 -27.07 -23.08
CA TYR E 98 4.67 -28.36 -23.46
C TYR E 98 5.47 -28.24 -24.75
N ALA E 99 6.32 -29.22 -24.97
CA ALA E 99 6.98 -29.36 -26.26
C ALA E 99 6.04 -30.00 -27.27
N ASP E 100 6.37 -29.87 -28.55
CA ASP E 100 5.53 -30.44 -29.59
C ASP E 100 5.53 -31.95 -29.55
N THR E 101 6.65 -32.56 -29.14
CA THR E 101 6.74 -34.02 -29.13
C THR E 101 5.77 -34.62 -28.12
N VAL E 102 5.65 -34.01 -26.94
CA VAL E 102 4.84 -34.57 -25.86
C VAL E 102 3.53 -33.83 -25.69
N LYS E 103 3.16 -32.96 -26.64
CA LYS E 103 1.91 -32.24 -26.52
C LYS E 103 0.72 -33.18 -26.63
N GLY E 104 -0.26 -32.99 -25.76
CA GLY E 104 -1.41 -33.87 -25.74
C GLY E 104 -1.22 -35.17 -25.00
N ARG E 105 -0.16 -35.91 -25.32
CA ARG E 105 0.08 -37.18 -24.64
C ARG E 105 0.47 -36.98 -23.18
N PHE E 106 1.20 -35.92 -22.88
CA PHE E 106 1.73 -35.68 -21.55
C PHE E 106 1.01 -34.50 -20.91
N THR E 107 0.81 -34.56 -19.60
CA THR E 107 0.25 -33.47 -18.83
C THR E 107 1.04 -33.31 -17.54
N ILE E 108 1.36 -32.07 -17.18
CA ILE E 108 2.15 -31.74 -16.01
C ILE E 108 1.27 -31.01 -15.02
N SER E 109 1.26 -31.48 -13.77
CA SER E 109 0.50 -30.84 -12.71
C SER E 109 1.32 -30.87 -11.44
N ARG E 110 1.10 -29.88 -10.59
CA ARG E 110 1.81 -29.76 -9.33
C ARG E 110 0.82 -29.77 -8.18
N ASP E 111 1.28 -30.21 -7.02
CA ASP E 111 0.49 -30.22 -5.80
C ASP E 111 1.31 -29.48 -4.74
N ASP E 112 1.04 -28.18 -4.61
CA ASP E 112 1.79 -27.36 -3.67
C ASP E 112 1.69 -27.82 -2.22
N PRO E 113 0.50 -28.17 -1.68
CA PRO E 113 0.47 -28.56 -0.26
C PRO E 113 1.35 -29.75 0.09
N LYS E 114 1.46 -30.73 -0.80
CA LYS E 114 2.31 -31.89 -0.53
C LYS E 114 3.70 -31.76 -1.12
N ASN E 115 4.04 -30.61 -1.70
CA ASN E 115 5.40 -30.31 -2.17
C ASN E 115 5.89 -31.37 -3.16
N THR E 116 5.05 -31.68 -4.14
CA THR E 116 5.38 -32.66 -5.16
C THR E 116 4.95 -32.15 -6.53
N LEU E 117 5.62 -32.64 -7.57
CA LEU E 117 5.33 -32.27 -8.96
C LEU E 117 5.09 -33.52 -9.77
N PHE E 118 4.00 -33.53 -10.53
CA PHE E 118 3.54 -34.71 -11.23
C PHE E 118 3.67 -34.53 -12.74
N LEU E 119 4.12 -35.58 -13.42
CA LEU E 119 4.09 -35.66 -14.88
C LEU E 119 3.37 -36.94 -15.26
N GLN E 120 2.17 -36.80 -15.80
CA GLN E 120 1.34 -37.94 -16.18
C GLN E 120 1.53 -38.21 -17.67
N MET E 121 2.02 -39.40 -17.99
CA MET E 121 2.35 -39.77 -19.35
C MET E 121 1.34 -40.77 -19.87
N THR E 122 0.84 -40.54 -21.08
CA THR E 122 -0.07 -41.45 -21.75
C THR E 122 0.39 -41.62 -23.20
N SER E 123 0.02 -42.76 -23.79
CA SER E 123 0.36 -43.08 -25.17
C SER E 123 1.87 -43.04 -25.40
N LEU E 124 2.61 -43.72 -24.53
CA LEU E 124 4.06 -43.73 -24.61
C LEU E 124 4.53 -44.46 -25.86
N ARG E 125 5.71 -44.06 -26.34
CA ARG E 125 6.32 -44.67 -27.51
C ARG E 125 7.80 -44.85 -27.24
N SER E 126 8.50 -45.41 -28.23
CA SER E 126 9.93 -45.63 -28.11
C SER E 126 10.72 -44.32 -28.21
N GLU E 127 10.05 -43.20 -28.49
CA GLU E 127 10.73 -41.92 -28.52
C GLU E 127 10.93 -41.33 -27.13
N ASP E 128 10.28 -41.90 -26.12
CA ASP E 128 10.32 -41.35 -24.77
C ASP E 128 11.20 -42.15 -23.82
N THR E 129 11.82 -43.23 -24.26
CA THR E 129 12.65 -44.04 -23.37
C THR E 129 13.93 -43.28 -23.03
N ALA E 130 14.00 -42.78 -21.80
CA ALA E 130 15.08 -41.89 -21.41
C ALA E 130 15.00 -41.67 -19.90
N MET E 131 15.91 -40.84 -19.40
CA MET E 131 15.93 -40.43 -18.00
C MET E 131 15.32 -39.04 -17.89
N TYR E 132 14.40 -38.86 -16.94
CA TYR E 132 13.64 -37.63 -16.81
C TYR E 132 14.13 -36.84 -15.61
N TYR E 133 14.31 -35.53 -15.80
CA TYR E 133 14.83 -34.63 -14.78
C TYR E 133 13.75 -33.64 -14.36
N CYS E 134 13.72 -33.34 -13.07
CA CYS E 134 12.76 -32.38 -12.51
C CYS E 134 13.55 -31.16 -12.03
N VAL E 135 13.39 -30.05 -12.73
CA VAL E 135 14.22 -28.87 -12.56
C VAL E 135 13.38 -27.71 -12.04
N ARG E 136 13.94 -26.96 -11.10
CA ARG E 136 13.26 -25.79 -10.54
C ARG E 136 13.77 -24.52 -11.19
N SER E 137 12.87 -23.54 -11.29
CA SER E 137 13.22 -22.25 -11.88
C SER E 137 12.37 -21.17 -11.24
N ILE E 138 13.02 -20.09 -10.81
CA ILE E 138 12.32 -18.95 -10.23
C ILE E 138 12.61 -17.74 -11.10
N TYR E 139 11.59 -16.92 -11.33
CA TYR E 139 11.69 -15.82 -12.30
C TYR E 139 11.35 -14.50 -11.64
N TYR E 140 12.38 -13.76 -11.26
CA TYR E 140 12.27 -12.35 -10.92
C TYR E 140 13.52 -11.66 -11.45
N TYR E 141 13.62 -10.36 -11.23
CA TYR E 141 14.78 -9.64 -11.74
C TYR E 141 16.04 -10.10 -11.02
N GLY E 142 17.02 -10.55 -11.79
CA GLY E 142 18.26 -11.05 -11.24
C GLY E 142 18.23 -12.48 -10.77
N SER E 143 17.11 -13.19 -10.97
CA SER E 143 16.99 -14.56 -10.50
C SER E 143 17.90 -15.49 -11.31
N SER E 144 17.98 -16.74 -10.84
CA SER E 144 18.83 -17.75 -11.46
C SER E 144 17.98 -18.96 -11.84
N PRO E 145 17.36 -18.97 -13.01
CA PRO E 145 16.52 -20.10 -13.40
C PRO E 145 17.35 -21.36 -13.66
N PHE E 146 16.68 -22.50 -13.58
CA PHE E 146 17.30 -23.82 -13.74
C PHE E 146 18.42 -24.02 -12.73
N ASP E 147 18.24 -23.47 -11.53
CA ASP E 147 19.31 -23.48 -10.54
C ASP E 147 19.65 -24.90 -10.09
N PHE E 148 18.64 -25.67 -9.68
CA PHE E 148 18.85 -26.99 -9.11
C PHE E 148 18.19 -28.04 -10.00
N TRP E 149 18.85 -29.18 -10.13
CA TRP E 149 18.35 -30.29 -10.94
C TRP E 149 18.24 -31.54 -10.06
N GLY E 150 17.24 -32.35 -10.36
CA GLY E 150 17.06 -33.60 -9.64
C GLY E 150 18.00 -34.69 -10.13
N GLN E 151 18.04 -35.78 -9.37
CA GLN E 151 18.96 -36.87 -9.66
C GLN E 151 18.65 -37.53 -11.00
N GLY E 152 17.38 -37.76 -11.28
CA GLY E 152 17.01 -38.42 -12.50
C GLY E 152 16.34 -39.76 -12.23
N THR E 153 15.26 -40.03 -12.96
CA THR E 153 14.59 -41.32 -12.93
C THR E 153 14.50 -41.84 -14.36
N THR E 154 14.63 -43.15 -14.52
CA THR E 154 14.78 -43.75 -15.84
C THR E 154 13.47 -44.37 -16.29
N LEU E 155 13.00 -43.94 -17.46
CA LEU E 155 11.79 -44.47 -18.09
C LEU E 155 12.20 -45.28 -19.30
N THR E 156 11.85 -46.56 -19.32
CA THR E 156 12.20 -47.46 -20.41
C THR E 156 10.93 -47.92 -21.10
N VAL E 157 10.82 -47.66 -22.39
CA VAL E 157 9.70 -48.11 -23.20
C VAL E 157 10.19 -49.28 -24.06
N SER E 158 9.54 -50.42 -23.92
CA SER E 158 9.94 -51.60 -24.66
C SER E 158 9.50 -51.51 -26.11
N SER E 159 10.25 -52.19 -26.99
CA SER E 159 9.94 -52.18 -28.41
C SER E 159 9.16 -53.43 -28.81
N SER E 174 10.17 -23.17 -36.36
CA SER E 174 10.52 -21.82 -35.93
C SER E 174 11.31 -21.85 -34.62
N ASP E 175 11.41 -23.03 -34.02
CA ASP E 175 12.16 -23.18 -32.79
C ASP E 175 13.63 -22.89 -33.02
N ILE E 176 14.26 -22.22 -32.05
CA ILE E 176 15.66 -21.86 -32.17
C ILE E 176 16.52 -23.11 -32.19
N VAL E 177 17.53 -23.11 -33.06
CA VAL E 177 18.45 -24.24 -33.19
C VAL E 177 19.78 -23.85 -32.56
N MET E 178 20.25 -24.69 -31.64
CA MET E 178 21.55 -24.51 -31.00
C MET E 178 22.50 -25.57 -31.51
N THR E 179 23.67 -25.15 -31.99
CA THR E 179 24.66 -26.07 -32.53
C THR E 179 26.00 -25.87 -31.82
N GLN E 180 26.54 -26.95 -31.27
CA GLN E 180 27.89 -26.99 -30.74
C GLN E 180 28.69 -27.92 -31.63
N ALA E 181 29.45 -27.34 -32.57
CA ALA E 181 29.95 -28.10 -33.71
C ALA E 181 30.91 -29.21 -33.31
N THR E 182 31.85 -28.91 -32.41
CA THR E 182 32.94 -29.85 -32.13
C THR E 182 32.40 -31.14 -31.50
N SER E 183 31.60 -31.01 -30.45
CA SER E 183 30.92 -32.13 -29.80
C SER E 183 31.87 -33.05 -29.04
N SER E 184 33.17 -32.84 -29.22
CA SER E 184 34.19 -33.56 -28.46
C SER E 184 35.55 -32.90 -28.67
N VAL E 185 36.24 -32.58 -27.58
CA VAL E 185 37.55 -31.93 -27.65
C VAL E 185 38.50 -32.53 -26.63
N PRO E 186 39.69 -32.95 -27.04
CA PRO E 186 40.71 -33.32 -26.06
C PRO E 186 41.18 -32.10 -25.29
N VAL E 187 41.53 -32.32 -24.02
CA VAL E 187 41.92 -31.22 -23.13
C VAL E 187 42.99 -31.72 -22.16
N THR E 188 43.74 -30.77 -21.62
CA THR E 188 44.78 -31.03 -20.64
C THR E 188 44.50 -30.23 -19.37
N PRO E 189 44.72 -30.82 -18.19
CA PRO E 189 44.45 -30.09 -16.95
C PRO E 189 45.36 -28.88 -16.80
N GLY E 190 44.82 -27.83 -16.20
CA GLY E 190 45.55 -26.59 -16.01
C GLY E 190 45.57 -25.66 -17.20
N GLU E 191 44.98 -26.06 -18.32
CA GLU E 191 44.97 -25.25 -19.52
C GLU E 191 43.70 -24.39 -19.56
N SER E 192 43.44 -23.76 -20.70
CA SER E 192 42.24 -22.97 -20.91
C SER E 192 41.47 -23.54 -22.09
N VAL E 193 40.15 -23.65 -21.94
CA VAL E 193 39.29 -24.25 -22.96
C VAL E 193 38.13 -23.30 -23.22
N SER E 194 37.80 -23.10 -24.49
CA SER E 194 36.65 -22.30 -24.90
C SER E 194 35.69 -23.19 -25.67
N ILE E 195 34.42 -23.16 -25.27
CA ILE E 195 33.36 -23.95 -25.88
C ILE E 195 32.39 -23.00 -26.55
N SER E 196 32.10 -23.25 -27.83
CA SER E 196 31.33 -22.33 -28.65
C SER E 196 29.93 -22.90 -28.92
N CYS E 197 28.95 -22.01 -28.93
CA CYS E 197 27.58 -22.36 -29.28
C CYS E 197 27.02 -21.27 -30.19
N ARG E 198 26.09 -21.67 -31.06
CA ARG E 198 25.47 -20.75 -32.00
C ARG E 198 23.97 -20.82 -31.87
N SER E 199 23.31 -19.73 -32.26
CA SER E 199 21.86 -19.60 -32.19
C SER E 199 21.31 -19.23 -33.56
N SER E 200 20.17 -19.84 -33.90
CA SER E 200 19.54 -19.54 -35.19
C SER E 200 19.10 -18.08 -35.26
N LYS E 201 18.55 -17.55 -34.16
CA LYS E 201 18.14 -16.16 -34.10
C LYS E 201 18.85 -15.48 -32.92
N SER E 202 18.88 -14.16 -32.98
CA SER E 202 19.53 -13.39 -31.93
C SER E 202 18.84 -13.63 -30.58
N LEU E 203 19.65 -13.92 -29.56
CA LEU E 203 19.13 -14.15 -28.22
C LEU E 203 19.09 -12.86 -27.38
N LEU E 204 19.37 -11.72 -27.99
CA LEU E 204 19.34 -10.45 -27.29
C LEU E 204 17.94 -9.86 -27.41
N HIS E 205 17.28 -9.63 -26.28
CA HIS E 205 15.97 -9.00 -26.30
C HIS E 205 16.13 -7.49 -26.20
N SER E 206 15.01 -6.79 -26.36
CA SER E 206 15.03 -5.33 -26.28
C SER E 206 15.41 -4.84 -24.89
N ASN E 207 15.21 -5.66 -23.86
CA ASN E 207 15.55 -5.25 -22.50
C ASN E 207 17.04 -5.31 -22.23
N GLY E 208 17.85 -5.82 -23.17
CA GLY E 208 19.27 -5.93 -22.98
C GLY E 208 19.73 -7.24 -22.38
N ASN E 209 18.81 -8.13 -22.05
CA ASN E 209 19.15 -9.41 -21.45
C ASN E 209 19.26 -10.46 -22.54
N THR E 210 20.41 -11.12 -22.62
CA THR E 210 20.59 -12.22 -23.55
C THR E 210 20.45 -13.51 -22.77
N TYR E 211 19.54 -14.36 -23.22
CA TYR E 211 19.12 -15.55 -22.48
C TYR E 211 19.85 -16.78 -23.01
N LEU E 212 21.05 -17.01 -22.48
CA LEU E 212 21.80 -18.22 -22.77
C LEU E 212 22.24 -18.84 -21.45
N TYR E 213 22.11 -20.16 -21.34
CA TYR E 213 22.39 -20.88 -20.12
C TYR E 213 23.39 -21.99 -20.40
N TRP E 214 24.26 -22.25 -19.42
CA TRP E 214 25.28 -23.26 -19.53
C TRP E 214 25.12 -24.29 -18.41
N PHE E 215 25.20 -25.56 -18.77
CA PHE E 215 25.03 -26.65 -17.83
C PHE E 215 26.16 -27.66 -17.99
N LEU E 216 26.62 -28.20 -16.86
CA LEU E 216 27.65 -29.22 -16.83
C LEU E 216 27.05 -30.52 -16.34
N GLN E 217 27.23 -31.58 -17.12
CA GLN E 217 26.75 -32.91 -16.77
C GLN E 217 27.97 -33.81 -16.60
N ARG E 218 28.45 -33.91 -15.36
CA ARG E 218 29.55 -34.81 -15.07
C ARG E 218 29.10 -36.26 -15.23
N PRO E 219 30.03 -37.17 -15.51
CA PRO E 219 29.66 -38.56 -15.74
C PRO E 219 28.89 -39.14 -14.55
N GLY E 220 27.70 -39.65 -14.84
CA GLY E 220 26.87 -40.21 -13.80
C GLY E 220 26.30 -39.20 -12.83
N GLN E 221 26.23 -37.93 -13.22
CA GLN E 221 25.70 -36.89 -12.35
C GLN E 221 24.73 -36.02 -13.13
N SER E 222 23.81 -35.41 -12.40
CA SER E 222 22.77 -34.58 -12.99
C SER E 222 23.34 -33.24 -13.43
N PRO E 223 22.72 -32.59 -14.42
CA PRO E 223 23.22 -31.29 -14.87
C PRO E 223 23.21 -30.26 -13.75
N GLN E 224 24.21 -29.38 -13.77
CA GLN E 224 24.36 -28.31 -12.80
C GLN E 224 24.60 -27.01 -13.55
N LEU E 225 23.88 -25.96 -13.14
CA LEU E 225 23.96 -24.68 -13.84
C LEU E 225 25.33 -24.05 -13.63
N LEU E 226 25.93 -23.57 -14.72
CA LEU E 226 27.22 -22.88 -14.66
C LEU E 226 27.06 -21.38 -14.84
N ILE E 227 26.46 -20.94 -15.94
CA ILE E 227 26.29 -19.53 -16.25
C ILE E 227 24.86 -19.31 -16.70
N TYR E 228 24.20 -18.29 -16.15
CA TYR E 228 22.86 -17.91 -16.58
C TYR E 228 22.91 -16.51 -17.16
N ARG E 229 22.29 -16.35 -18.33
CA ARG E 229 22.27 -15.08 -19.07
C ARG E 229 23.69 -14.63 -19.44
N MET E 230 24.52 -15.59 -19.85
CA MET E 230 25.72 -15.45 -20.68
C MET E 230 26.87 -14.77 -19.95
N SER E 231 26.62 -14.27 -18.73
CA SER E 231 27.68 -13.58 -18.00
C SER E 231 27.67 -13.82 -16.49
N ASN E 232 26.59 -14.34 -15.91
CA ASN E 232 26.47 -14.40 -14.47
C ASN E 232 26.76 -15.80 -13.96
N LEU E 233 27.79 -15.91 -13.13
CA LEU E 233 28.18 -17.18 -12.53
C LEU E 233 27.12 -17.62 -11.52
N ALA E 234 26.81 -18.92 -11.54
CA ALA E 234 25.83 -19.46 -10.62
C ALA E 234 26.40 -19.53 -9.21
N SER E 235 25.51 -19.70 -8.24
CA SER E 235 25.92 -19.76 -6.85
C SER E 235 26.70 -21.04 -6.57
N GLY E 236 27.93 -20.88 -6.09
CA GLY E 236 28.77 -22.00 -5.73
C GLY E 236 29.64 -22.53 -6.85
N VAL E 237 29.45 -22.07 -8.08
CA VAL E 237 30.28 -22.51 -9.20
C VAL E 237 31.63 -21.80 -9.11
N PRO E 238 32.74 -22.50 -9.26
CA PRO E 238 34.05 -21.86 -9.12
C PRO E 238 34.24 -20.72 -10.12
N ASP E 239 35.03 -19.74 -9.71
CA ASP E 239 35.20 -18.50 -10.47
C ASP E 239 35.93 -18.70 -11.79
N ARG E 240 36.52 -19.88 -12.02
CA ARG E 240 37.29 -20.09 -13.24
C ARG E 240 36.40 -20.03 -14.48
N PHE E 241 35.13 -20.40 -14.35
CA PHE E 241 34.23 -20.36 -15.48
C PHE E 241 33.83 -18.92 -15.81
N SER E 242 33.62 -18.66 -17.10
CA SER E 242 33.16 -17.36 -17.57
C SER E 242 32.50 -17.53 -18.92
N GLY E 243 31.60 -16.62 -19.26
CA GLY E 243 30.89 -16.68 -20.52
C GLY E 243 30.87 -15.39 -21.29
N SER E 244 30.79 -15.47 -22.61
CA SER E 244 30.75 -14.28 -23.46
C SER E 244 30.15 -14.65 -24.80
N GLY E 245 29.60 -13.65 -25.47
CA GLY E 245 28.99 -13.88 -26.77
C GLY E 245 28.51 -12.58 -27.36
N SER E 246 28.28 -12.62 -28.67
CA SER E 246 27.90 -11.45 -29.45
C SER E 246 26.41 -11.39 -29.74
N GLY E 247 25.61 -12.27 -29.12
CA GLY E 247 24.19 -12.29 -29.28
C GLY E 247 23.69 -13.34 -30.25
N THR E 248 24.56 -13.86 -31.10
CA THR E 248 24.19 -14.95 -32.01
C THR E 248 25.10 -16.15 -31.75
N ALA E 249 26.39 -15.87 -31.55
CA ALA E 249 27.37 -16.89 -31.20
C ALA E 249 27.93 -16.59 -29.82
N PHE E 250 28.05 -17.62 -28.99
CA PHE E 250 28.46 -17.44 -27.61
C PHE E 250 29.58 -18.43 -27.30
N THR E 251 30.42 -18.05 -26.33
CA THR E 251 31.54 -18.87 -25.89
C THR E 251 31.50 -19.02 -24.37
N LEU E 252 31.98 -20.17 -23.90
CA LEU E 252 32.18 -20.42 -22.48
C LEU E 252 33.66 -20.72 -22.27
N THR E 253 34.30 -19.99 -21.37
CA THR E 253 35.74 -20.07 -21.17
C THR E 253 36.03 -20.52 -19.75
N ILE E 254 36.87 -21.55 -19.61
CA ILE E 254 37.36 -22.01 -18.32
C ILE E 254 38.84 -21.69 -18.24
N SER E 255 39.21 -20.83 -17.30
CA SER E 255 40.60 -20.38 -17.19
C SER E 255 41.53 -21.55 -16.86
N ARG E 256 41.11 -22.41 -15.92
CA ARG E 256 41.90 -23.57 -15.53
C ARG E 256 40.97 -24.76 -15.41
N LEU E 257 41.48 -25.95 -15.72
CA LEU E 257 40.72 -27.18 -15.68
C LEU E 257 41.22 -28.07 -14.56
N GLU E 258 40.30 -28.50 -13.70
CA GLU E 258 40.58 -29.52 -12.70
C GLU E 258 39.94 -30.83 -13.14
N ALA E 259 40.16 -31.88 -12.35
CA ALA E 259 39.55 -33.17 -12.64
C ALA E 259 38.03 -33.13 -12.45
N GLU E 260 37.51 -32.07 -11.82
CA GLU E 260 36.07 -31.94 -11.62
C GLU E 260 35.37 -31.38 -12.84
N ASP E 261 36.11 -30.82 -13.80
CA ASP E 261 35.49 -30.14 -14.94
C ASP E 261 35.17 -31.08 -16.10
N VAL E 262 35.49 -32.36 -16.00
CA VAL E 262 35.15 -33.30 -17.07
C VAL E 262 33.64 -33.45 -17.15
N GLY E 263 33.11 -33.46 -18.37
CA GLY E 263 31.68 -33.61 -18.56
C GLY E 263 31.28 -33.11 -19.94
N VAL E 264 29.98 -32.92 -20.10
CA VAL E 264 29.41 -32.43 -21.35
C VAL E 264 28.67 -31.13 -21.05
N TYR E 265 28.94 -30.10 -21.86
CA TYR E 265 28.40 -28.77 -21.64
C TYR E 265 27.31 -28.48 -22.67
N TYR E 266 26.16 -28.04 -22.19
CA TYR E 266 25.00 -27.75 -23.03
C TYR E 266 24.69 -26.26 -23.01
N CYS E 267 24.35 -25.71 -24.17
CA CYS E 267 23.91 -24.33 -24.28
C CYS E 267 22.42 -24.30 -24.49
N MET E 268 21.72 -23.57 -23.61
CA MET E 268 20.28 -23.50 -23.63
C MET E 268 19.84 -22.07 -23.89
N GLN E 269 18.64 -21.92 -24.45
CA GLN E 269 18.06 -20.62 -24.72
C GLN E 269 16.73 -20.52 -23.99
N HIS E 270 16.40 -19.30 -23.55
CA HIS E 270 15.16 -19.03 -22.84
C HIS E 270 14.39 -17.88 -23.46
N LEU E 271 14.73 -17.48 -24.69
CA LEU E 271 14.05 -16.34 -25.31
C LEU E 271 12.61 -16.68 -25.65
N GLU E 272 12.39 -17.83 -26.30
CA GLU E 272 11.05 -18.34 -26.56
C GLU E 272 10.90 -19.68 -25.88
N TYR E 273 9.71 -19.91 -25.32
CA TYR E 273 9.48 -21.00 -24.38
C TYR E 273 9.70 -22.41 -24.93
N PRO E 274 9.65 -22.64 -26.24
CA PRO E 274 10.16 -23.93 -26.74
C PRO E 274 11.66 -24.01 -26.54
N LEU E 275 12.07 -24.26 -25.30
CA LEU E 275 13.48 -24.28 -24.96
C LEU E 275 14.18 -25.46 -25.64
N THR E 276 15.22 -25.17 -26.40
CA THR E 276 15.99 -26.19 -27.10
C THR E 276 17.41 -26.19 -26.56
N PHE E 277 17.87 -27.36 -26.12
CA PHE E 277 19.23 -27.53 -25.64
C PHE E 277 20.14 -27.86 -26.82
N GLY E 278 21.43 -27.65 -26.61
CA GLY E 278 22.39 -28.00 -27.64
C GLY E 278 22.73 -29.47 -27.62
N ALA E 279 23.47 -29.88 -28.66
CA ALA E 279 23.93 -31.26 -28.75
C ALA E 279 24.88 -31.60 -27.61
N GLY E 280 25.79 -30.69 -27.28
CA GLY E 280 26.71 -30.89 -26.17
C GLY E 280 28.14 -31.03 -26.65
N THR E 281 29.06 -30.56 -25.82
CA THR E 281 30.49 -30.69 -26.06
C THR E 281 31.11 -31.46 -24.91
N LYS E 282 31.83 -32.53 -25.22
CA LYS E 282 32.44 -33.40 -24.21
C LYS E 282 33.91 -33.06 -24.07
N LEU E 283 34.35 -32.90 -22.83
CA LEU E 283 35.76 -32.65 -22.54
C LEU E 283 36.36 -33.89 -21.89
N GLU E 284 37.29 -34.53 -22.58
CA GLU E 284 37.99 -35.70 -22.07
C GLU E 284 39.48 -35.44 -22.08
N LEU E 285 40.16 -35.86 -21.02
CA LEU E 285 41.59 -35.64 -20.90
C LEU E 285 42.39 -36.64 -21.73
#